data_5VUO
#
_entry.id   5VUO
#
_cell.length_a   51.948
_cell.length_b   110.469
_cell.length_c   164.882
_cell.angle_alpha   90.00
_cell.angle_beta   90.00
_cell.angle_gamma   90.00
#
_symmetry.space_group_name_H-M   'P 21 21 21'
#
loop_
_entity.id
_entity.type
_entity.pdbx_description
1 polymer 'Nitric oxide synthase, brain'
2 non-polymer 'PROTOPORPHYRIN IX CONTAINING FE'
3 non-polymer 5,6,7,8-TETRAHYDROBIOPTERIN
4 non-polymer 7-({[3-(4-methoxypyridin-3-yl)propyl]amino}methyl)quinolin-2-amine
5 non-polymer 'ACETATE ION'
6 non-polymer 'ZINC ION'
7 non-polymer D-MANNITOL
8 water water
#
_entity_poly.entity_id   1
_entity_poly.type   'polypeptide(L)'
_entity_poly.pdbx_seq_one_letter_code
;CPRFLKVKNWETDVVLTDTLHLKSTLETGCTEHICMGSIMLPSQHTRKPEDVRTKDQLFPLAKEFLDQYYSSIKRFGSKA
HMDRLEEVNKEIESTSTYQLKDTELIYGAKHAWRNASRCVGRIQWSKLQVFDARDCTTAHGMFNYICNHVKYATNKGNLR
SAITIFPQRTDGKHDFRVWNSQLIRYAGYKQPDGSTLGDPANVQFTEICIQQGWKAPRGRFDVLPLLLQANGNDPELFQI
PPELVLEVPIRHPKFDWFKDLGLKWYGLPAVSNMLLEIGGLEFSACPFSGWYMGTEIGVRDYCDNSRYNILEEVAKKMDL
DMRKTSSLWKDQALVEINIAVLYSFQSDKVTIVDHHSATESFIKHMENEYRCRGGCPADWVWIVPPMSGSITPVFHQEML
NYRLTPSFEYQPDPWNTHVWKG
;
_entity_poly.pdbx_strand_id   A,B
#
loop_
_chem_comp.id
_chem_comp.type
_chem_comp.name
_chem_comp.formula
9OS non-polymer 7-({[3-(4-methoxypyridin-3-yl)propyl]amino}methyl)quinolin-2-amine 'C19 H22 N4 O'
ACT non-polymer 'ACETATE ION' 'C2 H3 O2 -1'
H4B non-polymer 5,6,7,8-TETRAHYDROBIOPTERIN 'C9 H15 N5 O3'
HEM non-polymer 'PROTOPORPHYRIN IX CONTAINING FE' 'C34 H32 Fe N4 O4'
MTL non-polymer D-MANNITOL 'C6 H14 O6'
ZN non-polymer 'ZINC ION' 'Zn 2'
#
# COMPACT_ATOMS: atom_id res chain seq x y z
N ARG A 3 -22.60 6.51 4.26
CA ARG A 3 -22.98 6.56 2.85
C ARG A 3 -22.34 7.76 2.16
N PHE A 4 -22.03 8.79 2.96
CA PHE A 4 -21.24 9.92 2.50
C PHE A 4 -19.90 9.88 3.24
N LEU A 5 -18.82 9.81 2.47
CA LEU A 5 -17.54 9.37 3.02
C LEU A 5 -16.45 10.44 3.02
N LYS A 6 -15.66 10.48 4.08
CA LYS A 6 -14.55 11.42 4.19
C LYS A 6 -13.20 10.75 4.03
N VAL A 7 -12.30 11.38 3.27
CA VAL A 7 -10.91 10.93 3.21
C VAL A 7 -9.99 11.98 3.82
N LYS A 8 -9.07 11.53 4.66
CA LYS A 8 -8.15 12.42 5.34
C LYS A 8 -6.74 12.29 4.78
N ASN A 9 -6.05 13.42 4.63
CA ASN A 9 -4.61 13.40 4.40
C ASN A 9 -3.95 13.60 5.76
N TRP A 10 -3.10 12.65 6.15
CA TRP A 10 -2.57 12.65 7.54
C TRP A 10 -1.35 13.53 7.71
N GLU A 11 -0.86 14.07 6.59
CA GLU A 11 0.30 14.96 6.56
CA GLU A 11 0.30 14.94 6.60
C GLU A 11 -0.14 16.41 6.62
N THR A 12 -1.24 16.72 5.93
CA THR A 12 -1.75 18.09 5.81
C THR A 12 -3.00 18.34 6.64
N ASP A 13 -3.64 17.26 7.10
CA ASP A 13 -4.93 17.33 7.80
C ASP A 13 -6.10 17.79 6.94
N VAL A 14 -5.97 17.70 5.62
CA VAL A 14 -7.10 18.04 4.77
C VAL A 14 -8.07 16.87 4.62
N VAL A 15 -9.32 17.11 4.96
CA VAL A 15 -10.39 16.15 4.77
C VAL A 15 -11.16 16.50 3.48
N LEU A 16 -11.44 15.49 2.66
CA LEU A 16 -12.28 15.65 1.48
C LEU A 16 -13.50 14.75 1.61
N THR A 17 -14.61 15.15 1.01
CA THR A 17 -15.86 14.42 1.15
C THR A 17 -16.24 13.77 -0.19
N ASP A 18 -16.38 12.45 -0.21
CA ASP A 18 -16.68 11.75 -1.46
C ASP A 18 -18.17 11.50 -1.62
N THR A 19 -18.75 12.02 -2.71
CA THR A 19 -20.13 11.74 -3.08
C THR A 19 -20.17 10.85 -4.33
N LEU A 20 -19.08 10.88 -5.08
CA LEU A 20 -19.01 10.21 -6.38
C LEU A 20 -19.14 8.68 -6.28
N HIS A 21 -18.69 8.10 -5.17
CA HIS A 21 -18.73 6.64 -5.02
C HIS A 21 -20.14 6.04 -5.14
N LEU A 22 -21.16 6.83 -4.82
CA LEU A 22 -22.55 6.38 -4.92
C LEU A 22 -22.92 5.93 -6.34
N LYS A 23 -22.29 6.55 -7.34
CA LYS A 23 -22.56 6.22 -8.74
C LYS A 23 -21.85 4.95 -9.19
N SER A 24 -21.11 4.32 -8.28
CA SER A 24 -20.35 3.12 -8.62
C SER A 24 -21.29 1.99 -9.02
N THR A 25 -20.84 1.15 -9.95
CA THR A 25 -21.70 0.11 -10.49
C THR A 25 -21.10 -1.30 -10.39
N LEU A 26 -19.80 -1.43 -10.60
CA LEU A 26 -19.15 -2.74 -10.59
C LEU A 26 -18.64 -3.13 -9.18
N GLU A 27 -18.45 -4.43 -8.97
CA GLU A 27 -18.04 -4.97 -7.66
C GLU A 27 -16.53 -4.83 -7.40
N THR A 28 -16.15 -4.67 -6.13
CA THR A 28 -14.75 -4.46 -5.77
C THR A 28 -13.98 -5.74 -5.51
N GLY A 29 -14.68 -6.80 -5.12
CA GLY A 29 -14.03 -8.01 -4.66
C GLY A 29 -13.95 -8.06 -3.14
N CYS A 30 -14.08 -6.91 -2.50
CA CYS A 30 -14.11 -6.86 -1.03
C CYS A 30 -15.50 -7.16 -0.48
N THR A 31 -15.55 -7.60 0.77
CA THR A 31 -16.82 -7.69 1.50
C THR A 31 -16.63 -7.06 2.88
N GLU A 32 -17.69 -7.04 3.67
CA GLU A 32 -17.63 -6.50 5.04
C GLU A 32 -16.75 -7.37 5.94
N HIS A 33 -16.54 -8.63 5.54
CA HIS A 33 -15.73 -9.53 6.34
C HIS A 33 -14.29 -9.65 5.83
N ILE A 34 -14.06 -9.21 4.60
CA ILE A 34 -12.73 -9.36 4.03
C ILE A 34 -12.36 -8.28 3.00
N CYS A 35 -11.19 -7.67 3.20
CA CYS A 35 -10.68 -6.71 2.22
C CYS A 35 -9.71 -7.41 1.27
N MET A 36 -9.94 -7.22 -0.02
CA MET A 36 -9.10 -7.82 -1.06
C MET A 36 -8.32 -6.75 -1.79
N GLY A 37 -8.01 -5.66 -1.08
CA GLY A 37 -7.32 -4.51 -1.66
C GLY A 37 -5.98 -4.80 -2.33
N SER A 38 -5.29 -5.84 -1.89
CA SER A 38 -3.98 -6.12 -2.46
C SER A 38 -4.02 -7.25 -3.49
N ILE A 39 -5.21 -7.76 -3.77
CA ILE A 39 -5.34 -8.80 -4.81
C ILE A 39 -5.24 -8.11 -6.16
N MET A 40 -4.40 -8.64 -7.04
CA MET A 40 -4.16 -8.00 -8.34
C MET A 40 -5.36 -8.11 -9.27
N LEU A 41 -5.97 -9.30 -9.31
CA LEU A 41 -7.16 -9.53 -10.14
C LEU A 41 -8.25 -10.19 -9.31
N PRO A 42 -9.07 -9.37 -8.64
CA PRO A 42 -10.17 -9.90 -7.81
C PRO A 42 -11.25 -10.61 -8.64
N THR A 54 -26.55 -9.08 -23.85
CA THR A 54 -27.93 -9.17 -24.33
C THR A 54 -28.56 -7.78 -24.43
N LYS A 55 -29.60 -7.66 -25.25
CA LYS A 55 -30.30 -6.39 -25.48
C LYS A 55 -30.87 -5.81 -24.18
N ASP A 56 -31.25 -6.70 -23.26
CA ASP A 56 -31.78 -6.29 -21.96
C ASP A 56 -30.70 -5.65 -21.11
N GLN A 57 -29.49 -6.22 -21.18
CA GLN A 57 -28.35 -5.72 -20.42
C GLN A 57 -27.84 -4.42 -21.03
N LEU A 58 -27.92 -4.32 -22.36
CA LEU A 58 -27.27 -3.23 -23.07
C LEU A 58 -27.90 -1.85 -22.81
N PHE A 59 -29.20 -1.70 -23.04
CA PHE A 59 -29.80 -0.36 -22.97
C PHE A 59 -29.69 0.43 -21.66
N PRO A 60 -29.81 -0.24 -20.49
CA PRO A 60 -29.59 0.61 -19.31
C PRO A 60 -28.17 1.12 -19.28
N LEU A 61 -27.22 0.31 -19.71
CA LEU A 61 -25.82 0.73 -19.81
C LEU A 61 -25.67 1.88 -20.80
N ALA A 62 -26.27 1.73 -21.98
CA ALA A 62 -26.27 2.77 -22.98
C ALA A 62 -26.89 4.03 -22.38
N LYS A 63 -28.03 3.87 -21.71
CA LYS A 63 -28.74 4.96 -21.05
C LYS A 63 -27.89 5.68 -20.01
N GLU A 64 -27.29 4.91 -19.11
CA GLU A 64 -26.45 5.47 -18.06
C GLU A 64 -25.30 6.28 -18.68
N PHE A 65 -24.70 5.74 -19.73
CA PHE A 65 -23.64 6.46 -20.41
C PHE A 65 -24.16 7.74 -21.07
N LEU A 66 -25.21 7.62 -21.86
CA LEU A 66 -25.71 8.78 -22.60
C LEU A 66 -26.16 9.88 -21.64
N ASP A 67 -26.71 9.46 -20.49
CA ASP A 67 -27.12 10.41 -19.47
C ASP A 67 -25.92 11.22 -18.96
N GLN A 68 -24.80 10.56 -18.71
CA GLN A 68 -23.64 11.28 -18.21
C GLN A 68 -22.98 12.10 -19.32
N TYR A 69 -23.03 11.60 -20.54
CA TYR A 69 -22.50 12.36 -21.67
C TYR A 69 -23.28 13.64 -21.86
N TYR A 70 -24.61 13.53 -21.93
CA TYR A 70 -25.45 14.70 -22.12
C TYR A 70 -25.45 15.65 -20.92
N SER A 71 -25.22 15.12 -19.73
CA SER A 71 -25.06 15.98 -18.57
C SER A 71 -23.77 16.79 -18.73
N SER A 72 -22.73 16.16 -19.29
CA SER A 72 -21.41 16.80 -19.43
C SER A 72 -21.44 17.99 -20.38
N ILE A 73 -22.31 17.95 -21.38
CA ILE A 73 -22.39 19.04 -22.35
C ILE A 73 -23.51 20.02 -22.04
N LYS A 74 -23.93 20.06 -20.77
CA LYS A 74 -24.99 20.97 -20.31
C LYS A 74 -26.29 20.83 -21.12
N ARG A 75 -26.61 19.60 -21.51
CA ARG A 75 -27.79 19.36 -22.32
C ARG A 75 -28.66 18.24 -21.75
N PHE A 76 -28.60 18.05 -20.43
CA PHE A 76 -29.41 17.01 -19.81
C PHE A 76 -30.88 17.33 -19.97
N GLY A 77 -31.66 16.30 -20.28
CA GLY A 77 -33.09 16.47 -20.45
C GLY A 77 -33.46 17.34 -21.63
N SER A 78 -32.57 17.40 -22.62
CA SER A 78 -32.86 18.13 -23.86
C SER A 78 -33.52 17.19 -24.87
N LYS A 79 -34.11 17.76 -25.91
CA LYS A 79 -34.70 16.92 -26.95
C LYS A 79 -33.60 16.12 -27.63
N ALA A 80 -32.47 16.75 -27.88
CA ALA A 80 -31.31 16.06 -28.46
C ALA A 80 -30.92 14.85 -27.60
N HIS A 81 -30.95 15.00 -26.28
CA HIS A 81 -30.71 13.91 -25.35
C HIS A 81 -31.76 12.82 -25.53
N MET A 82 -33.02 13.19 -25.41
CA MET A 82 -34.11 12.24 -25.55
C MET A 82 -34.11 11.59 -26.94
N ASP A 83 -33.84 12.39 -27.98
CA ASP A 83 -33.76 11.89 -29.35
C ASP A 83 -32.71 10.79 -29.48
N ARG A 84 -31.51 11.08 -28.98
CA ARG A 84 -30.39 10.13 -29.07
C ARG A 84 -30.71 8.86 -28.31
N LEU A 85 -31.24 9.02 -27.10
CA LEU A 85 -31.63 7.91 -26.25
C LEU A 85 -32.62 7.04 -27.03
N GLU A 86 -33.63 7.69 -27.59
CA GLU A 86 -34.60 7.04 -28.46
C GLU A 86 -33.92 6.32 -29.62
N GLU A 87 -33.02 7.02 -30.31
CA GLU A 87 -32.32 6.48 -31.48
C GLU A 87 -31.52 5.24 -31.14
N VAL A 88 -30.78 5.31 -30.04
CA VAL A 88 -29.96 4.19 -29.59
C VAL A 88 -30.81 2.98 -29.19
N ASN A 89 -31.87 3.24 -28.44
CA ASN A 89 -32.83 2.22 -28.06
C ASN A 89 -33.41 1.48 -29.27
N LYS A 90 -33.75 2.24 -30.32
CA LYS A 90 -34.25 1.68 -31.56
C LYS A 90 -33.20 0.79 -32.20
N GLU A 91 -31.96 1.27 -32.19
CA GLU A 91 -30.86 0.58 -32.85
C GLU A 91 -30.51 -0.72 -32.12
N ILE A 92 -30.66 -0.73 -30.81
CA ILE A 92 -30.43 -1.93 -30.01
C ILE A 92 -31.48 -2.99 -30.31
N GLU A 93 -32.74 -2.58 -30.35
CA GLU A 93 -33.84 -3.48 -30.68
C GLU A 93 -33.66 -4.17 -32.02
N SER A 94 -33.19 -3.40 -33.01
CA SER A 94 -33.05 -3.91 -34.37
C SER A 94 -31.77 -4.73 -34.57
N THR A 95 -30.64 -4.17 -34.16
CA THR A 95 -29.33 -4.72 -34.48
C THR A 95 -28.66 -5.53 -33.36
N SER A 96 -29.23 -5.44 -32.15
CA SER A 96 -28.70 -6.08 -30.93
C SER A 96 -27.48 -5.35 -30.34
N THR A 97 -26.98 -4.37 -31.08
CA THR A 97 -25.91 -3.50 -30.57
C THR A 97 -26.21 -2.07 -31.01
N TYR A 98 -25.24 -1.17 -30.86
CA TYR A 98 -25.38 0.21 -31.33
C TYR A 98 -24.02 0.85 -31.53
N GLN A 99 -24.00 1.91 -32.33
CA GLN A 99 -22.74 2.58 -32.68
C GLN A 99 -22.61 3.94 -32.00
N LEU A 100 -21.49 4.16 -31.32
CA LEU A 100 -21.23 5.44 -30.67
C LEU A 100 -20.92 6.53 -31.70
N LYS A 101 -21.43 7.74 -31.45
CA LYS A 101 -21.02 8.90 -32.23
C LYS A 101 -19.57 9.22 -31.87
N ASP A 102 -18.85 9.87 -32.77
CA ASP A 102 -17.45 10.23 -32.54
C ASP A 102 -17.27 11.01 -31.23
N THR A 103 -18.16 11.98 -31.00
CA THR A 103 -18.13 12.76 -29.76
C THR A 103 -18.25 11.88 -28.53
N GLU A 104 -19.15 10.89 -28.60
CA GLU A 104 -19.39 9.97 -27.48
C GLU A 104 -18.19 9.04 -27.26
N LEU A 105 -17.57 8.61 -28.35
CA LEU A 105 -16.40 7.73 -28.27
C LEU A 105 -15.20 8.43 -27.62
N ILE A 106 -14.96 9.66 -28.06
CA ILE A 106 -13.89 10.47 -27.48
C ILE A 106 -14.16 10.72 -25.99
N TYR A 107 -15.37 11.16 -25.68
CA TYR A 107 -15.76 11.38 -24.27
C TYR A 107 -15.54 10.11 -23.45
N GLY A 108 -15.98 8.99 -24.00
CA GLY A 108 -15.93 7.72 -23.30
C GLY A 108 -14.51 7.25 -23.02
N ALA A 109 -13.64 7.38 -24.02
CA ALA A 109 -12.24 7.01 -23.88
C ALA A 109 -11.54 7.88 -22.83
N LYS A 110 -11.81 9.18 -22.87
CA LYS A 110 -11.19 10.08 -21.91
C LYS A 110 -11.67 9.73 -20.50
N HIS A 111 -12.95 9.42 -20.37
CA HIS A 111 -13.51 9.11 -19.05
C HIS A 111 -13.07 7.75 -18.50
N ALA A 112 -12.78 6.81 -19.39
CA ALA A 112 -12.20 5.55 -18.97
C ALA A 112 -10.86 5.77 -18.26
N TRP A 113 -10.04 6.65 -18.82
CA TRP A 113 -8.76 7.02 -18.20
C TRP A 113 -9.03 7.76 -16.90
N ARG A 114 -9.91 8.76 -16.94
CA ARG A 114 -10.30 9.51 -15.74
C ARG A 114 -10.71 8.56 -14.61
N ASN A 115 -11.38 7.47 -14.98
CA ASN A 115 -11.90 6.51 -13.99
C ASN A 115 -10.89 5.44 -13.53
N ALA A 116 -9.70 5.43 -14.12
CA ALA A 116 -8.74 4.37 -13.84
C ALA A 116 -8.15 4.53 -12.44
N SER A 117 -8.72 3.84 -11.46
CA SER A 117 -8.31 4.11 -10.08
C SER A 117 -6.83 3.78 -9.77
N ARG A 118 -6.17 3.02 -10.65
CA ARG A 118 -4.78 2.65 -10.43
C ARG A 118 -3.78 3.58 -11.09
N CYS A 119 -4.28 4.57 -11.85
CA CYS A 119 -3.40 5.44 -12.62
C CYS A 119 -3.03 6.73 -11.90
N VAL A 120 -1.73 6.95 -11.68
CA VAL A 120 -1.27 8.15 -10.98
C VAL A 120 -1.20 9.34 -11.92
N GLY A 121 -1.25 9.09 -13.23
CA GLY A 121 -1.06 10.15 -14.20
C GLY A 121 -2.32 10.84 -14.68
N ARG A 122 -3.42 10.66 -13.95
CA ARG A 122 -4.73 11.12 -14.41
C ARG A 122 -4.95 12.65 -14.48
N ILE A 123 -4.02 13.46 -14.00
CA ILE A 123 -4.18 14.90 -14.15
C ILE A 123 -4.22 15.24 -15.64
N GLN A 124 -3.64 14.35 -16.44
CA GLN A 124 -3.57 14.52 -17.91
C GLN A 124 -4.81 14.05 -18.67
N TRP A 125 -5.80 13.52 -17.96
CA TRP A 125 -6.87 12.72 -18.58
C TRP A 125 -7.62 13.39 -19.74
N SER A 126 -7.77 14.72 -19.67
CA SER A 126 -8.56 15.44 -20.66
C SER A 126 -7.75 15.69 -21.93
N LYS A 127 -6.43 15.57 -21.84
CA LYS A 127 -5.57 15.77 -23.01
C LYS A 127 -5.15 14.41 -23.56
N LEU A 128 -6.06 13.80 -24.30
CA LEU A 128 -5.85 12.47 -24.89
C LEU A 128 -6.26 12.52 -26.35
N GLN A 129 -5.35 12.13 -27.24
CA GLN A 129 -5.66 12.08 -28.66
C GLN A 129 -6.31 10.74 -28.96
N VAL A 130 -7.52 10.76 -29.52
CA VAL A 130 -8.28 9.54 -29.74
C VAL A 130 -8.29 9.21 -31.23
N PHE A 131 -7.73 8.06 -31.60
CA PHE A 131 -7.73 7.65 -33.00
C PHE A 131 -8.81 6.62 -33.24
N ASP A 132 -9.81 7.00 -34.02
CA ASP A 132 -10.95 6.14 -34.33
C ASP A 132 -10.57 5.16 -35.44
N ALA A 133 -10.36 3.90 -35.07
CA ALA A 133 -9.98 2.89 -36.04
C ALA A 133 -11.09 1.87 -36.22
N ARG A 134 -12.34 2.30 -36.02
CA ARG A 134 -13.47 1.38 -36.14
C ARG A 134 -13.73 0.97 -37.59
N ASP A 135 -13.07 1.62 -38.54
CA ASP A 135 -13.23 1.26 -39.96
C ASP A 135 -12.24 0.17 -40.40
N CYS A 136 -11.43 -0.26 -39.45
CA CYS A 136 -10.41 -1.29 -39.68
C CYS A 136 -11.07 -2.65 -39.89
N THR A 137 -10.55 -3.43 -40.84
CA THR A 137 -11.14 -4.73 -41.17
C THR A 137 -10.14 -5.88 -41.17
N THR A 138 -8.86 -5.56 -41.28
CA THR A 138 -7.82 -6.59 -41.42
C THR A 138 -6.66 -6.31 -40.49
N ALA A 139 -5.82 -7.33 -40.26
CA ALA A 139 -4.68 -7.17 -39.36
C ALA A 139 -3.64 -6.25 -39.98
N HIS A 140 -3.58 -6.24 -41.30
CA HIS A 140 -2.73 -5.28 -42.00
C HIS A 140 -3.16 -3.84 -41.74
N GLY A 141 -4.47 -3.58 -41.78
CA GLY A 141 -5.01 -2.29 -41.35
C GLY A 141 -4.66 -1.94 -39.91
N MET A 142 -4.76 -2.91 -39.02
CA MET A 142 -4.41 -2.67 -37.62
C MET A 142 -2.96 -2.23 -37.49
N PHE A 143 -2.08 -2.89 -38.25
CA PHE A 143 -0.65 -2.57 -38.24
C PHE A 143 -0.41 -1.12 -38.64
N ASN A 144 -1.04 -0.71 -39.74
CA ASN A 144 -0.94 0.67 -40.20
C ASN A 144 -1.38 1.66 -39.12
N TYR A 145 -2.53 1.37 -38.50
CA TYR A 145 -3.06 2.24 -37.48
C TYR A 145 -2.11 2.28 -36.28
N ILE A 146 -1.53 1.13 -35.96
CA ILE A 146 -0.64 1.04 -34.80
C ILE A 146 0.67 1.81 -35.06
N CYS A 147 1.22 1.68 -36.27
CA CYS A 147 2.41 2.44 -36.62
C CYS A 147 2.18 3.94 -36.52
N ASN A 148 1.05 4.40 -37.08
CA ASN A 148 0.66 5.79 -36.97
C ASN A 148 0.52 6.28 -35.53
N HIS A 149 -0.07 5.44 -34.68
CA HIS A 149 -0.20 5.72 -33.24
C HIS A 149 1.18 5.92 -32.66
N VAL A 150 2.06 4.96 -32.89
CA VAL A 150 3.40 4.99 -32.31
C VAL A 150 4.13 6.27 -32.70
N LYS A 151 4.10 6.59 -33.99
CA LYS A 151 4.79 7.77 -34.47
C LYS A 151 4.21 9.04 -33.87
N TYR A 152 2.88 9.11 -33.79
CA TYR A 152 2.22 10.31 -33.26
C TYR A 152 2.54 10.48 -31.80
N ALA A 153 2.48 9.38 -31.07
CA ALA A 153 2.64 9.41 -29.62
C ALA A 153 4.08 9.71 -29.24
N THR A 154 5.01 9.15 -30.02
CA THR A 154 6.43 9.30 -29.73
C THR A 154 6.88 10.73 -30.00
N ASN A 155 6.53 11.25 -31.17
CA ASN A 155 6.71 12.67 -31.48
C ASN A 155 8.16 13.13 -31.25
N LYS A 156 9.10 12.27 -31.65
CA LYS A 156 10.53 12.54 -31.52
C LYS A 156 10.98 12.74 -30.07
N GLY A 157 10.22 12.18 -29.13
CA GLY A 157 10.62 12.25 -27.73
C GLY A 157 9.76 13.16 -26.88
N ASN A 158 9.04 14.06 -27.54
CA ASN A 158 8.05 14.90 -26.88
C ASN A 158 6.70 14.17 -26.83
N LEU A 159 6.59 13.18 -25.94
CA LEU A 159 5.47 12.24 -25.98
C LEU A 159 4.10 12.89 -25.81
N ARG A 160 3.11 12.33 -26.50
CA ARG A 160 1.73 12.79 -26.45
C ARG A 160 0.82 11.60 -26.18
N SER A 161 -0.06 11.72 -25.19
CA SER A 161 -0.97 10.62 -24.85
C SER A 161 -1.91 10.32 -26.00
N ALA A 162 -2.11 9.04 -26.28
CA ALA A 162 -2.98 8.62 -27.37
C ALA A 162 -3.63 7.26 -27.13
N ILE A 163 -4.75 7.03 -27.79
CA ILE A 163 -5.39 5.72 -27.78
C ILE A 163 -5.90 5.48 -29.19
N THR A 164 -5.80 4.24 -29.65
CA THR A 164 -6.33 3.84 -30.95
C THR A 164 -7.40 2.77 -30.70
N ILE A 165 -8.59 3.00 -31.24
CA ILE A 165 -9.74 2.15 -30.92
C ILE A 165 -10.27 1.35 -32.11
N PHE A 166 -10.12 0.03 -32.02
CA PHE A 166 -10.54 -0.86 -33.11
C PHE A 166 -12.00 -1.28 -32.93
N PRO A 167 -12.61 -1.93 -33.95
CA PRO A 167 -14.04 -2.25 -33.88
C PRO A 167 -14.46 -2.96 -32.59
N GLN A 168 -15.67 -2.67 -32.13
CA GLN A 168 -16.18 -3.20 -30.87
C GLN A 168 -16.56 -4.66 -31.04
N ARG A 169 -16.61 -5.38 -29.92
CA ARG A 169 -17.05 -6.77 -29.91
C ARG A 169 -18.47 -6.90 -30.46
N THR A 170 -18.70 -7.93 -31.27
CA THR A 170 -20.03 -8.21 -31.81
C THR A 170 -20.62 -9.43 -31.10
N ASP A 171 -20.36 -10.62 -31.64
CA ASP A 171 -20.80 -11.86 -31.01
C ASP A 171 -19.72 -12.55 -30.21
N GLY A 172 -18.57 -11.91 -30.07
CA GLY A 172 -17.45 -12.49 -29.33
C GLY A 172 -16.61 -13.46 -30.15
N LYS A 173 -17.11 -13.88 -31.29
CA LYS A 173 -16.33 -14.73 -32.19
C LYS A 173 -15.69 -13.94 -33.33
N HIS A 174 -15.82 -12.62 -33.27
CA HIS A 174 -15.17 -11.73 -34.22
C HIS A 174 -14.32 -10.66 -33.51
N ASP A 175 -13.69 -11.02 -32.40
CA ASP A 175 -12.89 -10.04 -31.65
C ASP A 175 -11.65 -9.52 -32.39
N PHE A 176 -11.43 -8.21 -32.31
CA PHE A 176 -10.12 -7.63 -32.60
C PHE A 176 -9.28 -7.68 -31.32
N ARG A 177 -8.06 -8.20 -31.44
CA ARG A 177 -7.16 -8.25 -30.28
C ARG A 177 -5.74 -7.92 -30.73
N VAL A 178 -5.03 -7.15 -29.91
CA VAL A 178 -3.58 -7.09 -29.99
C VAL A 178 -3.07 -8.13 -29.00
N TRP A 179 -2.34 -9.12 -29.49
CA TRP A 179 -1.88 -10.23 -28.62
C TRP A 179 -0.77 -9.79 -27.66
N ASN A 180 0.02 -8.79 -28.07
CA ASN A 180 1.06 -8.22 -27.23
C ASN A 180 0.47 -7.53 -26.01
N SER A 181 1.19 -7.56 -24.88
CA SER A 181 0.77 -6.82 -23.69
C SER A 181 1.08 -5.31 -23.75
N GLN A 182 2.14 -4.95 -24.46
CA GLN A 182 2.42 -3.55 -24.79
C GLN A 182 2.89 -3.53 -26.23
N LEU A 183 2.65 -2.43 -26.95
CA LEU A 183 3.08 -2.31 -28.35
C LEU A 183 4.57 -2.56 -28.49
N ILE A 184 5.33 -1.99 -27.54
CA ILE A 184 6.79 -2.14 -27.54
C ILE A 184 7.23 -2.85 -26.27
N ARG A 185 7.85 -4.02 -26.44
CA ARG A 185 8.32 -4.83 -25.32
C ARG A 185 9.44 -5.79 -25.76
N TYR A 186 10.27 -6.22 -24.82
CA TYR A 186 11.42 -7.07 -25.13
C TYR A 186 11.14 -8.56 -24.96
N ALA A 187 11.66 -9.37 -25.89
CA ALA A 187 11.45 -10.83 -25.89
C ALA A 187 12.12 -11.49 -24.70
N GLY A 188 11.66 -12.69 -24.37
CA GLY A 188 12.27 -13.49 -23.32
C GLY A 188 12.51 -14.89 -23.82
N TYR A 189 13.70 -15.42 -23.54
CA TYR A 189 14.07 -16.77 -23.97
C TYR A 189 14.61 -17.58 -22.79
N LYS A 190 14.07 -18.77 -22.59
CA LYS A 190 14.64 -19.69 -21.60
C LYS A 190 15.85 -20.40 -22.20
N GLN A 191 16.91 -20.50 -21.40
CA GLN A 191 18.20 -21.01 -21.87
C GLN A 191 18.39 -22.49 -21.51
N PRO A 192 19.33 -23.18 -22.19
CA PRO A 192 19.72 -24.53 -21.76
C PRO A 192 20.48 -24.41 -20.44
N ASP A 193 21.28 -23.35 -20.37
CA ASP A 193 21.99 -22.94 -19.16
C ASP A 193 21.01 -22.71 -17.99
N GLY A 194 19.71 -22.74 -18.29
CA GLY A 194 18.68 -22.76 -17.28
C GLY A 194 18.19 -21.37 -16.91
N SER A 195 19.03 -20.38 -17.17
CA SER A 195 18.70 -18.99 -16.90
C SER A 195 17.66 -18.46 -17.90
N THR A 196 17.37 -17.17 -17.78
CA THR A 196 16.50 -16.49 -18.72
C THR A 196 17.26 -15.36 -19.41
N LEU A 197 17.17 -15.31 -20.73
CA LEU A 197 17.77 -14.23 -21.50
C LEU A 197 16.70 -13.23 -21.92
N GLY A 198 16.93 -11.95 -21.67
CA GLY A 198 15.96 -10.92 -22.00
C GLY A 198 14.97 -10.73 -20.88
N ASP A 199 13.72 -10.43 -21.24
CA ASP A 199 12.68 -10.14 -20.25
C ASP A 199 11.90 -11.39 -19.84
N PRO A 200 12.11 -11.88 -18.59
CA PRO A 200 11.41 -13.09 -18.15
C PRO A 200 9.89 -12.95 -18.25
N ALA A 201 9.41 -11.71 -18.17
CA ALA A 201 7.97 -11.42 -18.22
C ALA A 201 7.33 -11.86 -19.54
N ASN A 202 8.17 -12.00 -20.57
CA ASN A 202 7.69 -12.18 -21.93
C ASN A 202 8.06 -13.50 -22.60
N VAL A 203 8.32 -14.53 -21.80
CA VAL A 203 8.70 -15.83 -22.34
C VAL A 203 7.57 -16.50 -23.12
N GLN A 204 6.40 -16.64 -22.49
CA GLN A 204 5.28 -17.35 -23.12
C GLN A 204 4.85 -16.69 -24.44
N PHE A 205 4.72 -15.37 -24.42
CA PHE A 205 4.30 -14.64 -25.62
C PHE A 205 5.31 -14.81 -26.75
N THR A 206 6.59 -14.72 -26.41
CA THR A 206 7.68 -14.94 -27.37
C THR A 206 7.57 -16.31 -28.05
N GLU A 207 7.41 -17.34 -27.25
CA GLU A 207 7.21 -18.71 -27.74
C GLU A 207 6.06 -18.78 -28.76
N ILE A 208 4.97 -18.09 -28.45
CA ILE A 208 3.82 -18.00 -29.35
C ILE A 208 4.21 -17.32 -30.66
N CYS A 209 5.03 -16.28 -30.57
CA CYS A 209 5.54 -15.60 -31.77
C CYS A 209 6.36 -16.55 -32.63
N ILE A 210 7.22 -17.33 -31.98
CA ILE A 210 8.07 -18.28 -32.69
C ILE A 210 7.24 -19.38 -33.36
N GLN A 211 6.30 -19.97 -32.63
CA GLN A 211 5.35 -20.94 -33.17
C GLN A 211 4.65 -20.41 -34.43
N GLN A 212 4.30 -19.13 -34.40
CA GLN A 212 3.64 -18.50 -35.54
C GLN A 212 4.63 -18.10 -36.64
N GLY A 213 5.92 -18.18 -36.34
CA GLY A 213 6.92 -18.02 -37.37
C GLY A 213 7.93 -16.89 -37.24
N TRP A 214 7.83 -16.09 -36.19
CA TRP A 214 8.84 -15.06 -35.91
C TRP A 214 10.20 -15.71 -35.90
N LYS A 215 11.17 -15.07 -36.55
CA LYS A 215 12.55 -15.50 -36.45
C LYS A 215 13.24 -14.67 -35.39
N ALA A 216 13.50 -15.27 -34.23
CA ALA A 216 14.05 -14.54 -33.08
C ALA A 216 15.56 -14.38 -33.14
N PRO A 217 16.05 -13.16 -32.90
CA PRO A 217 17.48 -12.85 -32.85
C PRO A 217 18.16 -13.28 -31.56
N ARG A 218 17.40 -13.96 -30.69
CA ARG A 218 17.86 -14.42 -29.37
C ARG A 218 18.85 -13.49 -28.68
N GLY A 219 18.48 -12.21 -28.59
CA GLY A 219 19.24 -11.23 -27.85
C GLY A 219 18.55 -10.89 -26.54
N ARG A 220 19.07 -9.88 -25.86
CA ARG A 220 18.62 -9.51 -24.53
C ARG A 220 17.53 -8.44 -24.57
N PHE A 221 17.53 -7.67 -25.65
CA PHE A 221 16.67 -6.51 -25.81
C PHE A 221 16.03 -6.50 -27.19
N ASP A 222 15.49 -7.63 -27.60
CA ASP A 222 14.85 -7.70 -28.90
C ASP A 222 13.42 -7.15 -28.82
N VAL A 223 13.16 -6.07 -29.56
CA VAL A 223 11.80 -5.54 -29.62
C VAL A 223 10.92 -6.62 -30.25
N LEU A 224 9.84 -6.99 -29.55
CA LEU A 224 8.94 -8.03 -30.03
C LEU A 224 8.14 -7.55 -31.24
N PRO A 225 7.74 -8.48 -32.12
CA PRO A 225 6.88 -8.15 -33.27
C PRO A 225 5.44 -8.04 -32.80
N LEU A 226 4.59 -7.38 -33.58
CA LEU A 226 3.18 -7.33 -33.22
C LEU A 226 2.50 -8.62 -33.67
N LEU A 227 1.60 -9.14 -32.84
CA LEU A 227 0.77 -10.28 -33.21
C LEU A 227 -0.66 -9.77 -33.18
N LEU A 228 -1.21 -9.53 -34.35
CA LEU A 228 -2.45 -8.78 -34.49
C LEU A 228 -3.58 -9.66 -35.00
N GLN A 229 -4.72 -9.60 -34.32
CA GLN A 229 -5.88 -10.40 -34.68
C GLN A 229 -7.06 -9.50 -35.07
N ALA A 230 -7.52 -9.64 -36.31
CA ALA A 230 -8.65 -8.87 -36.81
C ALA A 230 -9.89 -9.76 -37.00
N ASN A 231 -11.05 -9.25 -36.58
CA ASN A 231 -12.36 -9.85 -36.88
C ASN A 231 -12.48 -11.31 -36.41
N GLY A 232 -11.83 -11.63 -35.30
CA GLY A 232 -11.87 -12.97 -34.77
C GLY A 232 -11.05 -13.95 -35.59
N ASN A 233 -10.46 -13.48 -36.69
CA ASN A 233 -9.61 -14.34 -37.50
C ASN A 233 -8.29 -14.63 -36.79
N ASP A 234 -7.52 -15.57 -37.33
CA ASP A 234 -6.21 -15.92 -36.79
C ASP A 234 -5.27 -14.72 -36.81
N PRO A 235 -4.49 -14.56 -35.74
CA PRO A 235 -3.59 -13.41 -35.60
C PRO A 235 -2.41 -13.53 -36.56
N GLU A 236 -1.84 -12.39 -36.95
CA GLU A 236 -0.71 -12.35 -37.88
C GLU A 236 0.44 -11.55 -37.30
N LEU A 237 1.65 -11.81 -37.78
CA LEU A 237 2.84 -11.11 -37.27
C LEU A 237 3.23 -9.90 -38.12
N PHE A 238 3.68 -8.83 -37.46
CA PHE A 238 4.23 -7.67 -38.13
C PHE A 238 5.38 -7.10 -37.31
N GLN A 239 6.39 -6.57 -37.98
CA GLN A 239 7.48 -5.92 -37.29
C GLN A 239 7.31 -4.40 -37.37
N ILE A 240 7.22 -3.76 -36.20
CA ILE A 240 7.18 -2.31 -36.13
C ILE A 240 8.45 -1.79 -36.77
N PRO A 241 8.32 -0.82 -37.68
CA PRO A 241 9.53 -0.27 -38.31
C PRO A 241 10.49 0.16 -37.22
N PRO A 242 11.74 -0.33 -37.28
CA PRO A 242 12.73 -0.06 -36.23
C PRO A 242 12.91 1.43 -35.97
N GLU A 243 12.76 2.23 -37.02
CA GLU A 243 12.91 3.69 -36.89
C GLU A 243 11.77 4.40 -36.13
N LEU A 244 10.67 3.69 -35.83
CA LEU A 244 9.58 4.30 -35.05
C LEU A 244 9.72 3.95 -33.57
N VAL A 245 10.66 3.05 -33.26
CA VAL A 245 10.84 2.61 -31.87
C VAL A 245 11.96 3.42 -31.20
N LEU A 246 11.58 4.45 -30.45
CA LEU A 246 12.56 5.29 -29.76
C LEU A 246 13.07 4.59 -28.49
N GLU A 247 14.38 4.38 -28.41
CA GLU A 247 14.94 3.74 -27.21
C GLU A 247 15.99 4.63 -26.57
N VAL A 248 16.28 4.37 -25.30
CA VAL A 248 17.22 5.20 -24.53
C VAL A 248 18.33 4.36 -23.90
N PRO A 249 19.57 4.56 -24.37
CA PRO A 249 20.72 3.95 -23.68
C PRO A 249 20.79 4.49 -22.25
N ILE A 250 20.95 3.60 -21.26
CA ILE A 250 20.96 4.05 -19.87
C ILE A 250 22.38 4.26 -19.34
N ARG A 251 22.66 5.49 -18.92
CA ARG A 251 23.95 5.83 -18.31
C ARG A 251 23.70 6.58 -17.02
N HIS A 252 24.73 6.67 -16.19
CA HIS A 252 24.64 7.36 -14.91
C HIS A 252 25.44 8.65 -15.02
N PRO A 253 24.98 9.72 -14.36
CA PRO A 253 25.71 11.00 -14.47
C PRO A 253 27.03 11.06 -13.69
N LYS A 254 27.22 10.17 -12.70
CA LYS A 254 28.46 10.14 -11.92
C LYS A 254 29.30 8.89 -12.18
N PHE A 255 28.62 7.75 -12.29
CA PHE A 255 29.28 6.47 -12.50
C PHE A 255 29.51 6.19 -13.99
N ASP A 256 30.77 6.32 -14.42
CA ASP A 256 31.14 6.13 -15.82
C ASP A 256 30.92 4.68 -16.23
N TRP A 257 31.04 3.78 -15.25
CA TRP A 257 30.91 2.34 -15.52
C TRP A 257 29.50 1.85 -15.86
N PHE A 258 28.48 2.64 -15.49
CA PHE A 258 27.09 2.22 -15.63
C PHE A 258 26.72 1.85 -17.07
N LYS A 259 27.29 2.58 -18.03
CA LYS A 259 26.96 2.36 -19.43
C LYS A 259 27.42 0.99 -19.90
N ASP A 260 28.40 0.43 -19.19
CA ASP A 260 28.96 -0.89 -19.50
C ASP A 260 28.02 -2.04 -19.13
N LEU A 261 26.92 -1.72 -18.45
CA LEU A 261 25.92 -2.73 -18.08
C LEU A 261 25.08 -3.15 -19.29
N GLY A 262 25.14 -2.37 -20.36
CA GLY A 262 24.43 -2.72 -21.58
C GLY A 262 22.94 -2.47 -21.52
N LEU A 263 22.51 -1.66 -20.55
CA LEU A 263 21.09 -1.39 -20.36
C LEU A 263 20.54 -0.32 -21.30
N LYS A 264 19.31 -0.56 -21.75
CA LYS A 264 18.53 0.43 -22.48
C LYS A 264 17.07 0.14 -22.20
N TRP A 265 16.20 1.11 -22.46
CA TRP A 265 14.75 0.88 -22.41
C TRP A 265 14.11 1.67 -23.54
N TYR A 266 12.84 1.40 -23.81
CA TYR A 266 12.11 2.14 -24.83
C TYR A 266 11.37 3.32 -24.22
N GLY A 267 11.15 4.36 -25.04
CA GLY A 267 10.52 5.57 -24.58
C GLY A 267 9.01 5.48 -24.36
N LEU A 268 8.34 4.59 -25.09
CA LEU A 268 6.87 4.66 -25.17
C LEU A 268 6.18 3.53 -24.43
N PRO A 269 5.55 3.85 -23.27
CA PRO A 269 4.74 2.83 -22.61
C PRO A 269 3.36 2.79 -23.26
N ALA A 270 3.08 1.68 -23.93
CA ALA A 270 1.88 1.60 -24.75
C ALA A 270 1.14 0.30 -24.48
N VAL A 271 0.22 0.34 -23.52
CA VAL A 271 -0.49 -0.88 -23.12
C VAL A 271 -1.53 -1.31 -24.13
N SER A 272 -1.51 -2.58 -24.52
CA SER A 272 -2.31 -3.04 -25.65
C SER A 272 -3.24 -4.21 -25.34
N ASN A 273 -3.27 -4.68 -24.09
CA ASN A 273 -4.05 -5.86 -23.77
C ASN A 273 -5.31 -5.63 -22.94
N MET A 274 -5.65 -4.37 -22.66
CA MET A 274 -6.81 -4.08 -21.84
C MET A 274 -8.07 -3.97 -22.68
N LEU A 275 -9.22 -4.01 -22.01
CA LEU A 275 -10.51 -3.86 -22.69
C LEU A 275 -11.16 -2.54 -22.26
N LEU A 276 -11.55 -1.75 -23.26
CA LEU A 276 -12.23 -0.47 -23.03
C LEU A 276 -13.75 -0.68 -23.07
N GLU A 277 -14.44 -0.38 -21.98
CA GLU A 277 -15.90 -0.48 -21.95
C GLU A 277 -16.54 0.90 -21.90
N ILE A 278 -17.35 1.20 -22.92
CA ILE A 278 -18.11 2.45 -23.00
C ILE A 278 -19.58 2.18 -23.31
N GLY A 279 -20.48 2.56 -22.39
CA GLY A 279 -21.90 2.40 -22.64
C GLY A 279 -22.31 0.97 -22.92
N GLY A 280 -21.65 0.04 -22.22
CA GLY A 280 -21.94 -1.37 -22.39
C GLY A 280 -21.28 -2.00 -23.61
N LEU A 281 -20.72 -1.17 -24.49
CA LEU A 281 -20.00 -1.69 -25.64
C LEU A 281 -18.56 -2.02 -25.24
N GLU A 282 -17.99 -3.06 -25.84
CA GLU A 282 -16.66 -3.55 -25.45
C GLU A 282 -15.65 -3.40 -26.58
N PHE A 283 -14.56 -2.70 -26.30
CA PHE A 283 -13.49 -2.57 -27.29
C PHE A 283 -12.27 -3.37 -26.81
N SER A 284 -12.18 -4.60 -27.33
CA SER A 284 -11.16 -5.58 -26.95
C SER A 284 -9.76 -5.23 -27.45
N ALA A 285 -9.70 -4.30 -28.39
CA ALA A 285 -8.44 -3.85 -28.95
C ALA A 285 -8.42 -2.34 -28.92
N CYS A 286 -7.67 -1.80 -27.97
CA CYS A 286 -7.63 -0.36 -27.72
C CYS A 286 -6.29 0.10 -27.16
N PRO A 287 -5.21 -0.12 -27.93
CA PRO A 287 -3.89 0.25 -27.38
C PRO A 287 -3.83 1.73 -27.02
N PHE A 288 -3.30 2.03 -25.82
CA PHE A 288 -3.14 3.42 -25.38
C PHE A 288 -1.74 3.64 -24.82
N SER A 289 -1.29 4.90 -24.83
CA SER A 289 0.07 5.23 -24.43
C SER A 289 0.12 6.59 -23.75
N GLY A 290 1.00 6.71 -22.75
CA GLY A 290 1.25 7.98 -22.12
C GLY A 290 2.75 8.23 -22.16
N TRP A 291 3.37 8.42 -20.99
CA TRP A 291 4.83 8.45 -20.87
C TRP A 291 5.19 7.84 -19.53
N TYR A 292 6.46 7.52 -19.33
CA TYR A 292 6.86 6.74 -18.16
C TYR A 292 7.02 7.57 -16.89
N MET A 293 6.70 6.95 -15.76
CA MET A 293 7.20 7.43 -14.49
C MET A 293 8.47 6.64 -14.25
N GLY A 294 9.54 7.32 -13.85
CA GLY A 294 10.87 6.70 -13.81
C GLY A 294 10.91 5.35 -13.09
N THR A 295 10.18 5.24 -11.99
CA THR A 295 10.22 4.03 -11.20
C THR A 295 9.69 2.78 -11.91
N GLU A 296 8.85 2.97 -12.94
CA GLU A 296 8.36 1.82 -13.68
C GLU A 296 9.53 1.06 -14.29
N ILE A 297 10.47 1.81 -14.83
CA ILE A 297 11.66 1.23 -15.43
C ILE A 297 12.71 0.87 -14.36
N GLY A 298 13.11 1.84 -13.57
CA GLY A 298 14.24 1.66 -12.65
C GLY A 298 14.00 0.76 -11.46
N VAL A 299 12.78 0.76 -10.93
CA VAL A 299 12.46 -0.08 -9.78
C VAL A 299 11.91 -1.42 -10.25
N ARG A 300 10.86 -1.37 -11.07
CA ARG A 300 10.16 -2.59 -11.43
C ARG A 300 10.84 -3.34 -12.59
N ASP A 301 10.92 -2.71 -13.77
CA ASP A 301 11.52 -3.38 -14.94
C ASP A 301 12.95 -3.87 -14.69
N TYR A 302 13.74 -3.08 -13.95
CA TYR A 302 15.15 -3.41 -13.78
C TYR A 302 15.45 -4.19 -12.51
N CYS A 303 14.67 -3.91 -11.46
CA CYS A 303 15.04 -4.42 -10.12
C CYS A 303 14.16 -5.51 -9.52
N ASP A 304 12.96 -5.71 -10.07
CA ASP A 304 12.17 -6.89 -9.73
C ASP A 304 13.00 -8.16 -9.90
N ASN A 305 12.84 -9.09 -8.97
CA ASN A 305 13.55 -10.36 -9.07
C ASN A 305 13.16 -11.18 -10.30
N SER A 306 11.90 -11.13 -10.67
CA SER A 306 11.40 -11.91 -11.82
C SER A 306 11.40 -11.08 -13.11
N ARG A 307 12.11 -9.96 -13.10
CA ARG A 307 12.36 -9.19 -14.31
C ARG A 307 13.86 -9.18 -14.62
N TYR A 308 14.41 -8.04 -15.02
CA TYR A 308 15.82 -7.98 -15.38
C TYR A 308 16.76 -8.17 -14.18
N ASN A 309 16.27 -7.87 -12.97
CA ASN A 309 16.94 -8.24 -11.71
C ASN A 309 18.44 -7.90 -11.66
N ILE A 310 18.76 -6.61 -11.75
CA ILE A 310 20.15 -6.17 -11.91
C ILE A 310 20.79 -5.64 -10.62
N LEU A 311 20.03 -5.62 -9.53
CA LEU A 311 20.50 -5.06 -8.26
C LEU A 311 21.89 -5.56 -7.86
N GLU A 312 22.04 -6.88 -7.79
CA GLU A 312 23.32 -7.50 -7.46
C GLU A 312 24.49 -6.98 -8.31
N GLU A 313 24.31 -6.96 -9.63
CA GLU A 313 25.38 -6.53 -10.54
C GLU A 313 25.77 -5.09 -10.25
N VAL A 314 24.76 -4.24 -10.09
CA VAL A 314 24.98 -2.82 -9.85
C VAL A 314 25.69 -2.65 -8.51
N ALA A 315 25.20 -3.36 -7.50
CA ALA A 315 25.79 -3.33 -6.17
C ALA A 315 27.29 -3.62 -6.21
N LYS A 316 27.69 -4.58 -7.04
CA LYS A 316 29.08 -4.98 -7.14
C LYS A 316 29.96 -3.89 -7.73
N LYS A 317 29.49 -3.29 -8.82
CA LYS A 317 30.21 -2.21 -9.49
C LYS A 317 30.37 -1.01 -8.56
N MET A 318 29.43 -0.86 -7.65
CA MET A 318 29.47 0.19 -6.64
C MET A 318 30.41 -0.19 -5.48
N ASP A 319 30.77 -1.47 -5.42
CA ASP A 319 31.61 -2.02 -4.33
C ASP A 319 30.97 -1.80 -2.95
N LEU A 320 29.75 -2.28 -2.79
CA LEU A 320 29.03 -2.16 -1.52
C LEU A 320 29.21 -3.44 -0.72
N ASP A 321 29.05 -3.32 0.59
CA ASP A 321 29.05 -4.49 1.47
C ASP A 321 27.73 -5.23 1.30
N MET A 322 27.76 -6.29 0.52
CA MET A 322 26.55 -7.08 0.29
C MET A 322 26.50 -8.26 1.25
N ARG A 323 27.31 -8.19 2.31
CA ARG A 323 27.31 -9.19 3.36
C ARG A 323 25.99 -9.21 4.09
N LYS A 324 25.63 -8.06 4.65
CA LYS A 324 24.48 -7.95 5.53
C LYS A 324 23.41 -7.06 4.89
N THR A 325 22.14 -7.44 5.02
CA THR A 325 21.05 -6.64 4.48
C THR A 325 21.04 -5.25 5.13
N SER A 326 21.47 -5.19 6.39
CA SER A 326 21.42 -3.96 7.18
C SER A 326 22.33 -2.82 6.69
N SER A 327 23.22 -3.10 5.74
CA SER A 327 24.02 -2.03 5.12
C SER A 327 23.16 -1.25 4.12
N LEU A 328 21.97 -1.78 3.85
CA LEU A 328 21.03 -1.22 2.87
C LEU A 328 21.65 -1.06 1.48
N TRP A 329 22.58 -1.95 1.14
CA TRP A 329 23.20 -1.92 -0.19
C TRP A 329 22.19 -2.03 -1.33
N LYS A 330 21.09 -2.74 -1.11
CA LYS A 330 20.06 -2.84 -2.16
C LYS A 330 19.38 -1.50 -2.36
N ASP A 331 19.12 -0.82 -1.25
CA ASP A 331 18.43 0.45 -1.26
C ASP A 331 19.30 1.49 -1.94
N GLN A 332 20.61 1.43 -1.69
CA GLN A 332 21.55 2.34 -2.32
C GLN A 332 21.64 2.11 -3.83
N ALA A 333 21.83 0.87 -4.24
CA ALA A 333 21.88 0.55 -5.66
C ALA A 333 20.56 0.96 -6.34
N LEU A 334 19.45 0.78 -5.64
CA LEU A 334 18.13 1.10 -6.18
C LEU A 334 18.03 2.58 -6.57
N VAL A 335 18.42 3.45 -5.64
CA VAL A 335 18.38 4.88 -5.88
C VAL A 335 19.24 5.25 -7.10
N GLU A 336 20.46 4.69 -7.16
CA GLU A 336 21.38 5.03 -8.25
C GLU A 336 20.87 4.59 -9.62
N ILE A 337 20.23 3.42 -9.66
CA ILE A 337 19.66 2.91 -10.89
C ILE A 337 18.57 3.88 -11.35
N ASN A 338 17.76 4.35 -10.40
CA ASN A 338 16.67 5.25 -10.75
C ASN A 338 17.11 6.66 -11.12
N ILE A 339 18.22 7.09 -10.53
CA ILE A 339 18.90 8.31 -10.95
C ILE A 339 19.32 8.20 -12.41
N ALA A 340 19.97 7.09 -12.77
CA ALA A 340 20.39 6.85 -14.15
C ALA A 340 19.25 6.89 -15.16
N VAL A 341 18.15 6.19 -14.87
CA VAL A 341 16.98 6.16 -15.77
C VAL A 341 16.47 7.56 -16.11
N LEU A 342 16.19 8.35 -15.07
CA LEU A 342 15.72 9.72 -15.27
C LEU A 342 16.78 10.57 -15.97
N TYR A 343 18.03 10.47 -15.54
CA TYR A 343 19.11 11.21 -16.20
C TYR A 343 19.16 10.89 -17.70
N SER A 344 19.07 9.61 -18.03
CA SER A 344 19.22 9.17 -19.43
C SER A 344 18.09 9.69 -20.34
N PHE A 345 16.86 9.65 -19.85
CA PHE A 345 15.71 10.10 -20.63
C PHE A 345 15.77 11.62 -20.80
N GLN A 346 16.04 12.33 -19.71
CA GLN A 346 16.15 13.78 -19.77
C GLN A 346 17.23 14.21 -20.76
N SER A 347 18.39 13.57 -20.70
CA SER A 347 19.50 13.86 -21.60
C SER A 347 19.12 13.69 -23.08
N ASP A 348 18.32 12.67 -23.37
CA ASP A 348 17.92 12.42 -24.75
C ASP A 348 16.60 13.13 -25.10
N LYS A 349 16.12 13.97 -24.19
CA LYS A 349 14.86 14.71 -24.39
C LYS A 349 13.67 13.81 -24.70
N VAL A 350 13.55 12.75 -23.93
CA VAL A 350 12.40 11.88 -24.02
C VAL A 350 11.59 12.13 -22.76
N THR A 351 10.30 12.41 -22.92
CA THR A 351 9.44 12.72 -21.79
C THR A 351 9.47 11.61 -20.72
N ILE A 352 9.68 12.01 -19.47
CA ILE A 352 9.61 11.10 -18.34
C ILE A 352 9.25 11.93 -17.12
N VAL A 353 8.62 11.31 -16.13
CA VAL A 353 8.32 12.04 -14.91
C VAL A 353 8.83 11.25 -13.70
N ASP A 354 9.49 11.92 -12.77
CA ASP A 354 9.92 11.22 -11.55
C ASP A 354 8.74 11.03 -10.60
N HIS A 355 8.87 10.12 -9.65
CA HIS A 355 7.75 9.76 -8.77
C HIS A 355 7.35 10.87 -7.80
N HIS A 356 8.26 11.81 -7.54
CA HIS A 356 7.91 12.95 -6.70
C HIS A 356 6.97 13.87 -7.44
N SER A 357 7.39 14.28 -8.64
CA SER A 357 6.57 15.17 -9.45
C SER A 357 5.20 14.54 -9.73
N ALA A 358 5.19 13.25 -10.09
CA ALA A 358 3.95 12.59 -10.49
C ALA A 358 2.92 12.47 -9.37
N THR A 359 3.39 12.14 -8.17
CA THR A 359 2.46 11.96 -7.05
C THR A 359 1.97 13.31 -6.56
N GLU A 360 2.84 14.32 -6.65
CA GLU A 360 2.45 15.68 -6.32
C GLU A 360 1.36 16.15 -7.27
N SER A 361 1.52 15.84 -8.56
CA SER A 361 0.50 16.16 -9.55
C SER A 361 -0.80 15.42 -9.24
N PHE A 362 -0.71 14.16 -8.81
CA PHE A 362 -1.91 13.40 -8.55
C PHE A 362 -2.70 13.99 -7.35
N ILE A 363 -2.00 14.45 -6.33
CA ILE A 363 -2.67 15.07 -5.19
C ILE A 363 -3.47 16.32 -5.65
N LYS A 364 -2.87 17.12 -6.52
CA LYS A 364 -3.53 18.30 -7.06
C LYS A 364 -4.73 17.90 -7.92
N HIS A 365 -4.55 16.84 -8.72
CA HIS A 365 -5.65 16.31 -9.53
C HIS A 365 -6.77 15.84 -8.61
N MET A 366 -6.41 15.06 -7.60
CA MET A 366 -7.40 14.54 -6.67
C MET A 366 -8.24 15.68 -6.07
N GLU A 367 -7.56 16.73 -5.59
CA GLU A 367 -8.25 17.89 -5.05
C GLU A 367 -9.17 18.54 -6.08
N ASN A 368 -8.73 18.60 -7.33
CA ASN A 368 -9.56 19.13 -8.42
C ASN A 368 -10.83 18.30 -8.56
N GLU A 369 -10.65 16.98 -8.61
CA GLU A 369 -11.75 16.04 -8.84
C GLU A 369 -12.77 16.04 -7.72
N TYR A 370 -12.28 16.09 -6.48
CA TYR A 370 -13.19 16.18 -5.34
C TYR A 370 -13.99 17.47 -5.44
N ARG A 371 -13.33 18.53 -5.89
CA ARG A 371 -13.95 19.84 -5.94
C ARG A 371 -14.96 19.94 -7.08
N CYS A 372 -14.62 19.37 -8.23
CA CYS A 372 -15.40 19.56 -9.45
CA CYS A 372 -15.42 19.56 -9.43
C CYS A 372 -16.25 18.34 -9.84
N ARG A 373 -16.01 17.20 -9.19
CA ARG A 373 -16.73 15.97 -9.55
C ARG A 373 -17.29 15.25 -8.34
N GLY A 374 -16.80 15.59 -7.15
CA GLY A 374 -17.30 14.98 -5.94
C GLY A 374 -16.47 13.78 -5.50
N GLY A 375 -15.37 13.53 -6.21
CA GLY A 375 -14.46 12.51 -5.79
C GLY A 375 -13.50 12.02 -6.85
N CYS A 376 -12.68 11.06 -6.47
CA CYS A 376 -11.71 10.49 -7.39
C CYS A 376 -11.36 9.08 -6.90
N PRO A 377 -11.86 8.06 -7.62
CA PRO A 377 -11.52 6.69 -7.22
C PRO A 377 -10.02 6.46 -7.35
N ALA A 378 -9.40 5.93 -6.30
CA ALA A 378 -7.96 5.72 -6.31
C ALA A 378 -7.58 4.46 -5.53
N ASP A 379 -6.66 3.68 -6.11
CA ASP A 379 -6.18 2.44 -5.51
C ASP A 379 -4.80 2.68 -4.86
N TRP A 380 -4.77 2.90 -3.55
CA TRP A 380 -3.54 3.29 -2.85
C TRP A 380 -2.37 2.30 -3.10
N VAL A 381 -2.69 1.02 -3.15
CA VAL A 381 -1.70 -0.04 -3.35
C VAL A 381 -0.93 0.18 -4.67
N TRP A 382 -1.64 0.66 -5.69
CA TRP A 382 -1.04 0.98 -7.00
C TRP A 382 -0.52 2.41 -7.15
N ILE A 383 -1.19 3.36 -6.51
CA ILE A 383 -0.83 4.79 -6.61
C ILE A 383 0.50 5.12 -5.91
N VAL A 384 0.73 4.55 -4.74
CA VAL A 384 2.01 4.77 -4.04
C VAL A 384 3.17 4.09 -4.79
N PRO A 385 4.20 4.87 -5.16
CA PRO A 385 5.36 4.34 -5.91
C PRO A 385 6.10 3.24 -5.17
N PRO A 386 6.79 2.37 -5.92
CA PRO A 386 7.46 1.17 -5.41
C PRO A 386 8.78 1.44 -4.70
N MET A 387 9.16 2.72 -4.58
CA MET A 387 10.28 3.13 -3.72
C MET A 387 9.94 4.43 -3.03
N SER A 388 10.56 4.66 -1.88
CA SER A 388 10.45 5.92 -1.16
C SER A 388 9.01 6.34 -0.89
N GLY A 389 8.15 5.35 -0.66
CA GLY A 389 6.71 5.57 -0.52
C GLY A 389 6.26 6.72 0.36
N SER A 390 6.75 6.77 1.60
CA SER A 390 6.24 7.76 2.54
C SER A 390 6.85 9.16 2.38
N ILE A 391 7.80 9.33 1.47
CA ILE A 391 8.29 10.70 1.25
C ILE A 391 7.57 11.31 0.06
N THR A 392 6.61 10.57 -0.49
CA THR A 392 5.71 11.09 -1.52
C THR A 392 4.38 11.40 -0.86
N PRO A 393 3.68 12.45 -1.32
CA PRO A 393 2.48 12.87 -0.62
C PRO A 393 1.34 11.87 -0.70
N VAL A 394 1.30 11.01 -1.72
CA VAL A 394 0.19 10.06 -1.81
C VAL A 394 0.19 9.02 -0.67
N PHE A 395 1.35 8.75 -0.08
CA PHE A 395 1.42 7.77 0.99
C PHE A 395 0.50 8.18 2.16
N HIS A 396 0.46 9.48 2.43
CA HIS A 396 -0.27 9.97 3.59
C HIS A 396 -1.73 10.28 3.27
N GLN A 397 -2.12 10.07 2.01
CA GLN A 397 -3.45 10.40 1.55
C GLN A 397 -4.39 9.20 1.61
N GLU A 398 -5.40 9.24 2.47
CA GLU A 398 -6.46 8.22 2.39
C GLU A 398 -7.14 8.29 1.02
N MET A 399 -7.41 7.11 0.45
CA MET A 399 -8.05 7.02 -0.85
C MET A 399 -9.21 6.04 -0.79
N LEU A 400 -10.22 6.26 -1.61
CA LEU A 400 -11.34 5.34 -1.69
C LEU A 400 -11.30 4.68 -3.05
N ASN A 401 -11.38 3.36 -3.08
CA ASN A 401 -11.37 2.66 -4.35
C ASN A 401 -12.75 2.11 -4.72
N TYR A 402 -13.18 2.45 -5.93
CA TYR A 402 -14.45 1.98 -6.43
C TYR A 402 -14.41 2.07 -7.95
N ARG A 403 -15.38 1.41 -8.58
CA ARG A 403 -15.31 1.24 -10.03
C ARG A 403 -16.37 2.05 -10.75
N LEU A 404 -15.92 2.97 -11.60
CA LEU A 404 -16.82 3.79 -12.39
C LEU A 404 -16.72 3.38 -13.85
N THR A 405 -17.79 3.59 -14.61
CA THR A 405 -17.76 3.32 -16.04
C THR A 405 -18.00 4.64 -16.78
N PRO A 406 -17.40 4.82 -17.97
CA PRO A 406 -16.51 3.94 -18.76
C PRO A 406 -15.21 3.55 -18.05
N SER A 407 -14.65 2.41 -18.45
CA SER A 407 -13.54 1.83 -17.73
C SER A 407 -12.62 1.02 -18.63
N PHE A 408 -11.36 0.94 -18.22
CA PHE A 408 -10.43 -0.03 -18.76
C PHE A 408 -10.44 -1.28 -17.89
N GLU A 409 -10.65 -2.43 -18.51
CA GLU A 409 -10.73 -3.69 -17.77
C GLU A 409 -9.64 -4.63 -18.24
N TYR A 410 -9.24 -5.57 -17.39
CA TYR A 410 -8.37 -6.65 -17.82
C TYR A 410 -9.22 -7.66 -18.57
N GLN A 411 -8.59 -8.46 -19.41
CA GLN A 411 -9.29 -9.49 -20.16
C GLN A 411 -8.31 -10.65 -20.30
N PRO A 412 -8.81 -11.86 -20.56
CA PRO A 412 -7.92 -13.02 -20.67
C PRO A 412 -6.97 -12.85 -21.86
N ASP A 413 -5.76 -13.41 -21.73
CA ASP A 413 -4.86 -13.47 -22.88
C ASP A 413 -5.52 -14.28 -23.98
N PRO A 414 -5.45 -13.78 -25.23
CA PRO A 414 -6.24 -14.32 -26.35
C PRO A 414 -5.92 -15.76 -26.72
N TRP A 415 -4.72 -16.22 -26.42
CA TRP A 415 -4.33 -17.59 -26.78
C TRP A 415 -5.05 -18.68 -25.97
N ASN A 416 -5.40 -18.37 -24.72
CA ASN A 416 -6.19 -19.28 -23.91
C ASN A 416 -7.64 -19.34 -24.40
N THR A 417 -7.99 -18.34 -25.21
CA THR A 417 -9.35 -18.13 -25.69
C THR A 417 -9.51 -18.60 -27.12
N HIS A 418 -8.42 -18.53 -27.88
CA HIS A 418 -8.53 -18.56 -29.34
C HIS A 418 -8.82 -19.90 -29.99
N VAL A 419 -9.98 -19.95 -30.65
CA VAL A 419 -10.37 -21.09 -31.47
C VAL A 419 -9.66 -21.01 -32.83
N TRP A 420 -8.43 -21.53 -32.86
CA TRP A 420 -7.57 -21.47 -34.04
C TRP A 420 -8.21 -22.05 -35.30
N ARG B 3 -15.71 -22.02 2.09
CA ARG B 3 -15.18 -21.13 1.07
C ARG B 3 -13.66 -20.97 1.19
N PHE B 4 -12.95 -21.32 0.11
CA PHE B 4 -11.50 -21.17 0.06
C PHE B 4 -11.11 -19.92 -0.71
N LEU B 5 -10.15 -19.16 -0.18
CA LEU B 5 -9.63 -17.99 -0.86
C LEU B 5 -8.15 -18.15 -1.17
N LYS B 6 -7.76 -17.90 -2.42
CA LYS B 6 -6.36 -18.01 -2.81
C LYS B 6 -5.63 -16.68 -2.76
N VAL B 7 -4.37 -16.71 -2.32
CA VAL B 7 -3.48 -15.57 -2.51
C VAL B 7 -2.24 -15.98 -3.31
N LYS B 8 -1.76 -15.06 -4.13
CA LYS B 8 -0.67 -15.37 -5.05
C LYS B 8 0.50 -14.45 -4.77
N ASN B 9 1.72 -14.98 -4.84
CA ASN B 9 2.89 -14.14 -4.76
C ASN B 9 3.36 -13.98 -6.19
N TRP B 10 3.46 -12.75 -6.66
CA TRP B 10 3.68 -12.50 -8.08
C TRP B 10 5.16 -12.56 -8.45
N GLU B 11 5.98 -12.77 -7.43
CA GLU B 11 7.42 -12.89 -7.63
CA GLU B 11 7.42 -12.89 -7.64
C GLU B 11 7.82 -14.36 -7.71
N THR B 12 7.15 -15.19 -6.91
CA THR B 12 7.43 -16.62 -6.84
C THR B 12 6.35 -17.55 -7.45
N ASP B 13 5.19 -17.01 -7.78
CA ASP B 13 4.00 -17.78 -8.20
C ASP B 13 3.47 -18.77 -7.14
N VAL B 14 3.98 -18.67 -5.92
CA VAL B 14 3.47 -19.48 -4.81
C VAL B 14 2.01 -19.09 -4.54
N VAL B 15 1.13 -20.08 -4.48
CA VAL B 15 -0.28 -19.82 -4.18
C VAL B 15 -0.70 -20.41 -2.83
N LEU B 16 -1.23 -19.58 -1.94
CA LEU B 16 -1.69 -20.05 -0.64
C LEU B 16 -3.22 -20.04 -0.58
N THR B 17 -3.79 -20.90 0.26
CA THR B 17 -5.24 -21.02 0.36
C THR B 17 -5.69 -20.66 1.78
N ASP B 18 -6.59 -19.69 1.87
CA ASP B 18 -7.07 -19.21 3.17
C ASP B 18 -8.43 -19.81 3.53
N THR B 19 -8.51 -20.42 4.71
CA THR B 19 -9.77 -20.92 5.25
C THR B 19 -10.07 -20.21 6.57
N LEU B 20 -9.07 -19.54 7.11
CA LEU B 20 -9.18 -18.91 8.43
C LEU B 20 -10.14 -17.71 8.42
N HIS B 21 -10.30 -17.08 7.26
CA HIS B 21 -11.16 -15.91 7.15
C HIS B 21 -12.61 -16.24 7.53
N LEU B 22 -12.95 -17.53 7.45
CA LEU B 22 -14.26 -18.03 7.88
C LEU B 22 -14.52 -17.77 9.37
N LYS B 23 -13.46 -17.65 10.15
CA LYS B 23 -13.59 -17.41 11.58
C LYS B 23 -13.70 -15.93 11.88
N SER B 24 -13.54 -15.11 10.85
CA SER B 24 -13.69 -13.66 11.00
C SER B 24 -15.14 -13.32 11.33
N THR B 25 -15.32 -12.47 12.33
CA THR B 25 -16.65 -12.07 12.76
C THR B 25 -16.82 -10.55 12.61
N LEU B 26 -15.82 -9.80 13.07
CA LEU B 26 -15.85 -8.35 13.02
C LEU B 26 -15.78 -7.82 11.57
N GLU B 27 -16.11 -6.54 11.39
CA GLU B 27 -16.21 -5.96 10.04
C GLU B 27 -14.96 -5.22 9.60
N THR B 28 -14.79 -5.09 8.28
CA THR B 28 -13.59 -4.51 7.70
C THR B 28 -13.70 -3.02 7.38
N GLY B 29 -14.90 -2.59 6.99
CA GLY B 29 -15.10 -1.24 6.51
C GLY B 29 -15.42 -1.26 5.03
N CYS B 30 -14.97 -2.30 4.35
CA CYS B 30 -15.22 -2.42 2.90
C CYS B 30 -16.62 -2.96 2.60
N THR B 31 -17.08 -2.70 1.38
CA THR B 31 -18.29 -3.34 0.86
C THR B 31 -17.99 -3.83 -0.55
N GLU B 32 -18.97 -4.46 -1.18
CA GLU B 32 -18.77 -4.95 -2.54
C GLU B 32 -18.69 -3.78 -3.52
N HIS B 33 -18.96 -2.58 -3.03
CA HIS B 33 -19.00 -1.38 -3.87
C HIS B 33 -17.85 -0.42 -3.59
N ILE B 34 -17.18 -0.61 -2.45
CA ILE B 34 -16.11 0.30 -2.08
C ILE B 34 -15.04 -0.37 -1.21
N CYS B 35 -13.78 -0.13 -1.54
CA CYS B 35 -12.68 -0.61 -0.70
C CYS B 35 -12.15 0.52 0.17
N MET B 36 -12.06 0.27 1.48
CA MET B 36 -11.58 1.27 2.41
C MET B 36 -10.21 0.85 2.93
N GLY B 37 -9.50 0.09 2.11
CA GLY B 37 -8.22 -0.48 2.51
C GLY B 37 -7.14 0.52 2.93
N SER B 38 -7.22 1.76 2.46
CA SER B 38 -6.19 2.75 2.80
C SER B 38 -6.66 3.73 3.90
N ILE B 39 -7.85 3.48 4.45
CA ILE B 39 -8.39 4.34 5.50
C ILE B 39 -7.79 3.93 6.85
N MET B 40 -7.25 4.90 7.58
CA MET B 40 -6.54 4.62 8.83
C MET B 40 -7.50 4.07 9.90
N LEU B 41 -8.68 4.66 10.00
CA LEU B 41 -9.67 4.28 11.01
C LEU B 41 -11.07 4.19 10.37
N PRO B 42 -11.38 3.06 9.73
CA PRO B 42 -12.71 2.97 9.08
C PRO B 42 -13.83 2.58 10.04
N VAL B 52 -19.28 -1.36 29.42
CA VAL B 52 -20.42 -0.77 28.70
C VAL B 52 -21.03 -1.76 27.70
N ARG B 53 -20.72 -3.05 27.88
CA ARG B 53 -21.34 -4.14 27.11
C ARG B 53 -22.41 -4.83 27.95
N THR B 54 -23.44 -5.38 27.30
CA THR B 54 -24.50 -6.10 28.01
C THR B 54 -24.17 -7.59 28.17
N LYS B 55 -24.66 -8.20 29.25
CA LYS B 55 -24.48 -9.64 29.48
C LYS B 55 -25.08 -10.44 28.33
N ASP B 56 -26.03 -9.81 27.65
CA ASP B 56 -26.56 -10.24 26.36
C ASP B 56 -25.49 -10.78 25.42
N GLN B 57 -24.69 -9.86 24.88
CA GLN B 57 -23.64 -10.19 23.93
C GLN B 57 -22.42 -10.84 24.56
N LEU B 58 -22.27 -10.70 25.87
CA LEU B 58 -21.02 -11.09 26.51
C LEU B 58 -20.77 -12.61 26.53
N PHE B 59 -21.77 -13.40 26.89
CA PHE B 59 -21.52 -14.84 26.97
C PHE B 59 -21.13 -15.55 25.66
N PRO B 60 -21.78 -15.23 24.54
CA PRO B 60 -21.28 -15.85 23.31
C PRO B 60 -19.84 -15.44 22.98
N LEU B 61 -19.43 -14.25 23.40
CA LEU B 61 -18.08 -13.80 23.14
C LEU B 61 -17.12 -14.55 24.04
N ALA B 62 -17.51 -14.73 25.29
CA ALA B 62 -16.70 -15.48 26.23
C ALA B 62 -16.59 -16.93 25.73
N LYS B 63 -17.73 -17.49 25.34
CA LYS B 63 -17.80 -18.87 24.87
C LYS B 63 -16.95 -19.12 23.62
N GLU B 64 -17.00 -18.19 22.67
CA GLU B 64 -16.21 -18.30 21.45
C GLU B 64 -14.72 -18.33 21.81
N PHE B 65 -14.33 -17.47 22.73
CA PHE B 65 -12.95 -17.40 23.17
C PHE B 65 -12.52 -18.67 23.90
N LEU B 66 -13.36 -19.12 24.82
CA LEU B 66 -13.01 -20.28 25.64
C LEU B 66 -12.92 -21.55 24.77
N ASP B 67 -13.76 -21.63 23.75
CA ASP B 67 -13.67 -22.76 22.83
C ASP B 67 -12.32 -22.75 22.11
N GLN B 68 -11.91 -21.58 21.65
CA GLN B 68 -10.62 -21.40 21.00
C GLN B 68 -9.49 -21.77 21.96
N TYR B 69 -9.59 -21.30 23.19
CA TYR B 69 -8.54 -21.58 24.17
C TYR B 69 -8.42 -23.09 24.39
N TYR B 70 -9.54 -23.74 24.67
CA TYR B 70 -9.51 -25.17 24.97
C TYR B 70 -9.14 -26.04 23.77
N SER B 71 -9.44 -25.59 22.57
CA SER B 71 -8.98 -26.30 21.38
C SER B 71 -7.46 -26.22 21.30
N SER B 72 -6.93 -25.03 21.54
CA SER B 72 -5.49 -24.78 21.43
C SER B 72 -4.69 -25.67 22.40
N ILE B 73 -5.28 -26.02 23.54
CA ILE B 73 -4.62 -26.89 24.50
C ILE B 73 -5.09 -28.34 24.39
N LYS B 74 -5.76 -28.66 23.28
CA LYS B 74 -6.30 -30.00 23.05
C LYS B 74 -7.13 -30.53 24.22
N ARG B 75 -8.06 -29.72 24.70
CA ARG B 75 -8.97 -30.13 25.76
C ARG B 75 -10.39 -29.72 25.39
N PHE B 76 -10.66 -29.62 24.09
CA PHE B 76 -11.99 -29.24 23.65
C PHE B 76 -13.02 -30.30 23.99
N GLY B 77 -14.08 -29.87 24.66
CA GLY B 77 -15.16 -30.77 25.03
C GLY B 77 -14.86 -31.51 26.30
N SER B 78 -13.71 -31.21 26.90
CA SER B 78 -13.32 -31.85 28.14
C SER B 78 -14.21 -31.40 29.31
N LYS B 79 -14.12 -32.10 30.42
CA LYS B 79 -14.85 -31.70 31.61
C LYS B 79 -14.35 -30.35 32.11
N ALA B 80 -13.04 -30.13 32.01
CA ALA B 80 -12.47 -28.86 32.42
C ALA B 80 -12.99 -27.72 31.55
N HIS B 81 -13.12 -28.00 30.25
CA HIS B 81 -13.70 -27.06 29.29
C HIS B 81 -15.14 -26.73 29.69
N MET B 82 -15.96 -27.78 29.83
CA MET B 82 -17.38 -27.61 30.14
C MET B 82 -17.60 -26.91 31.49
N ASP B 83 -16.79 -27.26 32.50
CA ASP B 83 -16.87 -26.63 33.81
C ASP B 83 -16.55 -25.14 33.75
N ARG B 84 -15.56 -24.78 32.94
CA ARG B 84 -15.13 -23.41 32.78
C ARG B 84 -16.22 -22.56 32.12
N LEU B 85 -16.82 -23.10 31.06
CA LEU B 85 -17.94 -22.44 30.39
C LEU B 85 -19.06 -22.20 31.40
N GLU B 86 -19.35 -23.22 32.18
CA GLU B 86 -20.38 -23.14 33.21
C GLU B 86 -20.05 -22.06 34.23
N GLU B 87 -18.82 -22.11 34.75
CA GLU B 87 -18.32 -21.14 35.72
C GLU B 87 -18.44 -19.69 35.19
N VAL B 88 -17.99 -19.47 33.96
CA VAL B 88 -18.07 -18.15 33.34
C VAL B 88 -19.52 -17.65 33.14
N ASN B 89 -20.42 -18.54 32.73
CA ASN B 89 -21.82 -18.18 32.50
C ASN B 89 -22.48 -17.70 33.80
N LYS B 90 -22.21 -18.43 34.87
CA LYS B 90 -22.69 -18.07 36.21
C LYS B 90 -22.14 -16.73 36.65
N GLU B 91 -20.85 -16.52 36.41
CA GLU B 91 -20.19 -15.30 36.84
C GLU B 91 -20.75 -14.12 36.04
N ILE B 92 -20.93 -14.32 34.74
CA ILE B 92 -21.56 -13.32 33.90
C ILE B 92 -22.99 -13.02 34.37
N GLU B 93 -23.81 -14.05 34.58
CA GLU B 93 -25.19 -13.78 34.93
C GLU B 93 -25.38 -13.20 36.34
N SER B 94 -24.45 -13.49 37.26
CA SER B 94 -24.55 -12.94 38.61
C SER B 94 -23.80 -11.61 38.79
N THR B 95 -22.65 -11.46 38.12
CA THR B 95 -21.84 -10.25 38.27
C THR B 95 -21.73 -9.38 37.00
N SER B 96 -22.33 -9.84 35.92
CA SER B 96 -22.43 -9.08 34.66
C SER B 96 -21.10 -8.95 33.88
N THR B 97 -20.09 -9.66 34.36
CA THR B 97 -18.79 -9.70 33.71
C THR B 97 -18.13 -11.00 34.16
N TYR B 98 -16.87 -11.20 33.81
CA TYR B 98 -16.13 -12.35 34.35
C TYR B 98 -14.63 -12.10 34.37
N GLN B 99 -13.90 -12.93 35.11
CA GLN B 99 -12.45 -12.81 35.21
C GLN B 99 -11.79 -13.96 34.48
N LEU B 100 -10.78 -13.64 33.68
CA LEU B 100 -9.98 -14.63 32.99
C LEU B 100 -8.96 -15.29 33.92
N LYS B 101 -8.73 -16.59 33.72
CA LYS B 101 -7.60 -17.23 34.38
C LYS B 101 -6.29 -16.70 33.77
N ASP B 102 -5.20 -16.77 34.54
CA ASP B 102 -3.90 -16.28 34.08
C ASP B 102 -3.49 -16.93 32.75
N THR B 103 -3.78 -18.22 32.63
CA THR B 103 -3.47 -18.97 31.41
C THR B 103 -4.22 -18.39 30.21
N GLU B 104 -5.50 -18.06 30.44
CA GLU B 104 -6.37 -17.51 29.39
C GLU B 104 -5.94 -16.10 29.00
N LEU B 105 -5.52 -15.33 30.00
CA LEU B 105 -5.03 -13.98 29.76
C LEU B 105 -3.78 -14.01 28.88
N ILE B 106 -2.84 -14.89 29.23
CA ILE B 106 -1.59 -15.03 28.45
C ILE B 106 -1.91 -15.47 27.01
N TYR B 107 -2.73 -16.51 26.89
CA TYR B 107 -3.17 -16.99 25.58
C TYR B 107 -3.79 -15.86 24.78
N GLY B 108 -4.67 -15.10 25.44
CA GLY B 108 -5.36 -14.00 24.77
C GLY B 108 -4.46 -12.88 24.27
N ALA B 109 -3.50 -12.46 25.10
CA ALA B 109 -2.58 -11.39 24.71
C ALA B 109 -1.72 -11.84 23.54
N LYS B 110 -1.24 -13.07 23.59
CA LYS B 110 -0.42 -13.58 22.49
C LYS B 110 -1.24 -13.65 21.22
N HIS B 111 -2.52 -14.00 21.34
CA HIS B 111 -3.34 -14.12 20.12
C HIS B 111 -3.79 -12.80 19.54
N ALA B 112 -3.99 -11.79 20.40
CA ALA B 112 -4.25 -10.44 19.90
C ALA B 112 -3.09 -9.99 19.02
N TRP B 113 -1.86 -10.31 19.42
CA TRP B 113 -0.68 -9.93 18.64
C TRP B 113 -0.65 -10.76 17.35
N ARG B 114 -0.81 -12.07 17.46
CA ARG B 114 -0.85 -12.96 16.28
C ARG B 114 -1.89 -12.49 15.27
N ASN B 115 -2.98 -11.91 15.78
CA ASN B 115 -4.09 -11.47 14.93
C ASN B 115 -3.94 -10.07 14.37
N ALA B 116 -2.88 -9.36 14.76
CA ALA B 116 -2.76 -7.95 14.37
C ALA B 116 -2.33 -7.80 12.91
N SER B 117 -3.29 -7.61 12.01
CA SER B 117 -2.98 -7.68 10.57
C SER B 117 -2.02 -6.58 10.09
N ARG B 118 -1.87 -5.54 10.90
CA ARG B 118 -0.96 -4.46 10.51
C ARG B 118 0.49 -4.66 10.97
N CYS B 119 0.75 -5.76 11.68
CA CYS B 119 2.07 -5.96 12.31
C CYS B 119 3.00 -6.88 11.51
N VAL B 120 4.13 -6.34 11.08
CA VAL B 120 5.07 -7.11 10.29
C VAL B 120 5.95 -8.01 11.17
N GLY B 121 5.88 -7.81 12.48
CA GLY B 121 6.79 -8.51 13.38
C GLY B 121 6.22 -9.77 14.00
N ARG B 122 5.11 -10.28 13.45
CA ARG B 122 4.36 -11.36 14.09
C ARG B 122 5.04 -12.74 14.15
N ILE B 123 6.16 -12.92 13.47
CA ILE B 123 6.89 -14.17 13.63
C ILE B 123 7.26 -14.38 15.11
N GLN B 124 7.31 -13.29 15.86
CA GLN B 124 7.69 -13.30 17.27
C GLN B 124 6.55 -13.54 18.26
N TRP B 125 5.33 -13.74 17.74
CA TRP B 125 4.10 -13.65 18.55
C TRP B 125 4.05 -14.57 19.77
N SER B 126 4.62 -15.75 19.64
CA SER B 126 4.53 -16.73 20.72
C SER B 126 5.50 -16.40 21.87
N LYS B 127 6.45 -15.50 21.61
CA LYS B 127 7.42 -15.09 22.63
C LYS B 127 7.04 -13.69 23.11
N LEU B 128 6.21 -13.66 24.14
CA LEU B 128 5.69 -12.41 24.67
C LEU B 128 5.62 -12.59 26.17
N GLN B 129 6.26 -11.71 26.92
CA GLN B 129 6.23 -11.77 28.37
C GLN B 129 4.99 -11.03 28.85
N VAL B 130 4.09 -11.74 29.54
CA VAL B 130 2.84 -11.12 29.96
C VAL B 130 2.90 -10.77 31.44
N PHE B 131 2.77 -9.49 31.74
CA PHE B 131 2.74 -9.04 33.13
C PHE B 131 1.30 -8.76 33.54
N ASP B 132 0.81 -9.53 34.49
CA ASP B 132 -0.55 -9.42 34.98
C ASP B 132 -0.63 -8.30 36.01
N ALA B 133 -1.22 -7.17 35.64
CA ALA B 133 -1.38 -6.05 36.58
C ALA B 133 -2.83 -5.82 36.94
N ARG B 134 -3.63 -6.88 36.95
CA ARG B 134 -5.05 -6.73 37.21
C ARG B 134 -5.35 -6.49 38.69
N ASP B 135 -4.31 -6.58 39.52
CA ASP B 135 -4.47 -6.25 40.95
C ASP B 135 -4.16 -4.78 41.22
N CYS B 136 -3.86 -4.01 40.17
CA CYS B 136 -3.48 -2.61 40.34
C CYS B 136 -4.69 -1.75 40.71
N THR B 137 -4.51 -0.78 41.61
CA THR B 137 -5.63 0.09 41.99
C THR B 137 -5.41 1.60 41.84
N THR B 138 -4.16 2.05 41.76
CA THR B 138 -3.90 3.48 41.77
C THR B 138 -2.91 3.85 40.67
N ALA B 139 -2.80 5.14 40.38
CA ALA B 139 -1.86 5.61 39.36
C ALA B 139 -0.42 5.39 39.80
N HIS B 140 -0.15 5.53 41.09
CA HIS B 140 1.17 5.21 41.59
C HIS B 140 1.48 3.74 41.35
N GLY B 141 0.47 2.88 41.54
CA GLY B 141 0.64 1.46 41.26
C GLY B 141 0.94 1.23 39.78
N MET B 142 0.22 1.93 38.91
CA MET B 142 0.45 1.76 37.47
C MET B 142 1.88 2.19 37.13
N PHE B 143 2.33 3.29 37.74
CA PHE B 143 3.68 3.78 37.52
C PHE B 143 4.71 2.71 37.86
N ASN B 144 4.57 2.07 39.03
CA ASN B 144 5.51 1.03 39.39
C ASN B 144 5.53 -0.11 38.36
N TYR B 145 4.35 -0.57 37.96
CA TYR B 145 4.24 -1.66 36.98
C TYR B 145 4.91 -1.30 35.65
N ILE B 146 4.71 -0.06 35.22
CA ILE B 146 5.25 0.41 33.95
C ILE B 146 6.78 0.56 34.03
N CYS B 147 7.29 1.02 35.17
CA CYS B 147 8.74 1.08 35.32
C CYS B 147 9.31 -0.32 35.19
N ASN B 148 8.67 -1.30 35.85
CA ASN B 148 9.14 -2.68 35.78
C ASN B 148 9.11 -3.26 34.36
N HIS B 149 8.08 -2.88 33.61
CA HIS B 149 7.91 -3.34 32.23
C HIS B 149 9.08 -2.79 31.39
N VAL B 150 9.35 -1.49 31.57
CA VAL B 150 10.39 -0.81 30.82
C VAL B 150 11.76 -1.43 31.08
N LYS B 151 12.02 -1.75 32.34
CA LYS B 151 13.33 -2.27 32.68
C LYS B 151 13.48 -3.70 32.14
N TYR B 152 12.43 -4.51 32.31
CA TYR B 152 12.46 -5.89 31.82
C TYR B 152 12.61 -5.90 30.30
N ALA B 153 11.76 -5.14 29.64
CA ALA B 153 11.73 -5.13 28.17
C ALA B 153 13.03 -4.62 27.56
N THR B 154 13.62 -3.62 28.21
CA THR B 154 14.87 -3.02 27.73
C THR B 154 16.05 -3.97 27.87
N ASN B 155 16.24 -4.54 29.06
CA ASN B 155 17.23 -5.61 29.24
C ASN B 155 18.61 -5.16 28.74
N LYS B 156 18.96 -3.91 29.04
CA LYS B 156 20.24 -3.31 28.66
C LYS B 156 20.52 -3.34 27.15
N GLY B 157 19.48 -3.32 26.34
CA GLY B 157 19.66 -3.28 24.89
C GLY B 157 19.26 -4.57 24.20
N ASN B 158 19.25 -5.68 24.95
CA ASN B 158 18.77 -6.96 24.44
C ASN B 158 17.26 -7.06 24.63
N LEU B 159 16.53 -6.35 23.77
CA LEU B 159 15.09 -6.13 23.92
C LEU B 159 14.28 -7.41 23.98
N ARG B 160 13.30 -7.43 24.89
CA ARG B 160 12.38 -8.55 25.08
C ARG B 160 10.96 -8.03 24.97
N SER B 161 10.16 -8.66 24.12
CA SER B 161 8.77 -8.25 23.96
C SER B 161 7.99 -8.46 25.23
N ALA B 162 7.14 -7.49 25.57
CA ALA B 162 6.36 -7.63 26.79
C ALA B 162 5.05 -6.85 26.73
N ILE B 163 4.11 -7.26 27.58
CA ILE B 163 2.85 -6.52 27.69
C ILE B 163 2.45 -6.49 29.16
N THR B 164 2.05 -5.32 29.65
CA THR B 164 1.54 -5.22 31.03
C THR B 164 0.05 -4.95 30.96
N ILE B 165 -0.75 -5.77 31.64
CA ILE B 165 -2.21 -5.68 31.52
C ILE B 165 -2.89 -5.20 32.79
N PHE B 166 -3.49 -4.02 32.71
CA PHE B 166 -4.19 -3.40 33.85
C PHE B 166 -5.66 -3.86 33.91
N PRO B 167 -6.40 -3.56 35.00
CA PRO B 167 -7.78 -4.09 35.11
C PRO B 167 -8.70 -3.74 33.93
N GLN B 168 -9.55 -4.70 33.58
CA GLN B 168 -10.48 -4.55 32.47
C GLN B 168 -11.53 -3.52 32.77
N ARG B 169 -12.19 -3.04 31.72
CA ARG B 169 -13.30 -2.11 31.84
C ARG B 169 -14.46 -2.75 32.60
N THR B 170 -15.13 -1.95 33.42
CA THR B 170 -16.34 -2.43 34.09
C THR B 170 -17.55 -1.68 33.55
N ASP B 171 -17.86 -0.51 34.10
CA ASP B 171 -18.98 0.30 33.59
C ASP B 171 -18.59 1.42 32.62
N GLY B 172 -17.29 1.53 32.33
CA GLY B 172 -16.82 2.56 31.41
C GLY B 172 -16.58 3.90 32.10
N LYS B 173 -16.86 3.95 33.39
CA LYS B 173 -16.66 5.15 34.20
C LYS B 173 -15.46 4.98 35.12
N HIS B 174 -14.88 3.78 35.11
CA HIS B 174 -13.74 3.49 35.98
C HIS B 174 -12.56 2.97 35.19
N ASP B 175 -12.41 3.46 33.95
CA ASP B 175 -11.37 2.95 33.07
C ASP B 175 -9.96 3.23 33.60
N PHE B 176 -9.09 2.23 33.46
CA PHE B 176 -7.65 2.47 33.54
C PHE B 176 -7.20 2.90 32.14
N ARG B 177 -6.41 3.97 32.07
CA ARG B 177 -5.87 4.44 30.79
C ARG B 177 -4.45 4.97 30.99
N VAL B 178 -3.57 4.69 30.03
CA VAL B 178 -2.30 5.39 29.92
C VAL B 178 -2.52 6.48 28.89
N TRP B 179 -2.38 7.75 29.27
CA TRP B 179 -2.70 8.85 28.35
C TRP B 179 -1.64 9.04 27.26
N ASN B 180 -0.42 8.59 27.53
CA ASN B 180 0.63 8.60 26.52
C ASN B 180 0.30 7.65 25.39
N SER B 181 0.69 8.03 24.17
CA SER B 181 0.53 7.16 23.02
CA SER B 181 0.54 7.17 23.01
C SER B 181 1.59 6.07 23.06
N GLN B 182 2.78 6.41 23.54
CA GLN B 182 3.84 5.43 23.79
C GLN B 182 4.41 5.70 25.17
N LEU B 183 4.91 4.67 25.84
CA LEU B 183 5.46 4.89 27.19
C LEU B 183 6.63 5.88 27.12
N ILE B 184 7.47 5.70 26.11
CA ILE B 184 8.58 6.61 25.89
C ILE B 184 8.42 7.39 24.57
N ARG B 185 8.40 8.72 24.68
CA ARG B 185 8.21 9.59 23.52
C ARG B 185 8.72 11.01 23.79
N TYR B 186 9.12 11.72 22.74
CA TYR B 186 9.69 13.06 22.91
C TYR B 186 8.64 14.18 22.85
N ALA B 187 8.78 15.18 23.73
CA ALA B 187 7.87 16.33 23.76
C ALA B 187 7.94 17.12 22.45
N GLY B 188 6.86 17.84 22.16
CA GLY B 188 6.84 18.79 21.06
C GLY B 188 6.27 20.10 21.58
N TYR B 189 6.87 21.21 21.17
CA TYR B 189 6.40 22.52 21.62
C TYR B 189 6.14 23.42 20.42
N LYS B 190 4.92 23.91 20.29
CA LYS B 190 4.62 24.88 19.24
C LYS B 190 5.15 26.24 19.68
N GLN B 191 5.95 26.88 18.82
CA GLN B 191 6.50 28.20 19.10
C GLN B 191 5.59 29.30 18.59
N PRO B 192 5.66 30.50 19.19
CA PRO B 192 4.86 31.64 18.77
C PRO B 192 5.06 31.99 17.30
N ASP B 193 6.24 31.68 16.73
CA ASP B 193 6.49 31.95 15.31
C ASP B 193 5.94 30.87 14.36
N GLY B 194 5.24 29.90 14.94
CA GLY B 194 4.61 28.83 14.17
C GLY B 194 5.48 27.60 13.99
N SER B 195 6.76 27.73 14.28
CA SER B 195 7.67 26.59 14.19
C SER B 195 7.46 25.64 15.38
N THR B 196 7.95 24.41 15.24
CA THR B 196 7.81 23.43 16.31
C THR B 196 9.20 23.00 16.82
N LEU B 197 9.32 22.87 18.13
CA LEU B 197 10.54 22.37 18.75
C LEU B 197 10.25 20.95 19.24
N GLY B 198 11.13 20.01 18.92
CA GLY B 198 10.91 18.61 19.28
C GLY B 198 10.01 17.88 18.29
N ASP B 199 9.17 16.98 18.82
CA ASP B 199 8.34 16.09 17.99
C ASP B 199 6.95 16.68 17.75
N PRO B 200 6.66 17.11 16.51
CA PRO B 200 5.36 17.76 16.29
C PRO B 200 4.17 16.84 16.56
N ALA B 201 4.39 15.54 16.45
CA ALA B 201 3.36 14.53 16.70
C ALA B 201 2.80 14.61 18.11
N ASN B 202 3.58 15.17 19.03
CA ASN B 202 3.22 15.11 20.44
C ASN B 202 2.93 16.47 21.05
N VAL B 203 2.73 17.48 20.21
CA VAL B 203 2.44 18.84 20.68
C VAL B 203 1.25 18.89 21.62
N GLN B 204 0.16 18.24 21.24
CA GLN B 204 -1.07 18.30 22.03
C GLN B 204 -0.91 17.64 23.39
N PHE B 205 -0.33 16.45 23.39
CA PHE B 205 -0.11 15.72 24.64
C PHE B 205 0.85 16.47 25.55
N THR B 206 1.88 17.06 24.94
CA THR B 206 2.84 17.89 25.68
C THR B 206 2.14 19.05 26.40
N GLU B 207 1.23 19.71 25.70
CA GLU B 207 0.46 20.81 26.30
C GLU B 207 -0.35 20.35 27.50
N ILE B 208 -0.96 19.17 27.39
CA ILE B 208 -1.73 18.59 28.49
C ILE B 208 -0.84 18.34 29.70
N CYS B 209 0.33 17.74 29.46
CA CYS B 209 1.29 17.48 30.53
C CYS B 209 1.70 18.77 31.23
N ILE B 210 1.97 19.80 30.43
CA ILE B 210 2.37 21.09 30.96
C ILE B 210 1.26 21.67 31.81
N GLN B 211 0.03 21.65 31.29
CA GLN B 211 -1.13 22.10 32.04
C GLN B 211 -1.28 21.33 33.35
N GLN B 212 -0.96 20.04 33.32
CA GLN B 212 -1.11 19.18 34.50
C GLN B 212 0.02 19.37 35.52
N GLY B 213 1.01 20.21 35.19
CA GLY B 213 2.06 20.52 36.14
C GLY B 213 3.49 20.20 35.72
N TRP B 214 3.66 19.52 34.59
CA TRP B 214 4.99 19.16 34.10
C TRP B 214 5.86 20.37 33.81
N LYS B 215 7.04 20.41 34.42
CA LYS B 215 8.00 21.47 34.11
C LYS B 215 8.85 21.05 32.91
N ALA B 216 8.54 21.64 31.76
CA ALA B 216 9.18 21.24 30.51
C ALA B 216 10.54 21.89 30.31
N PRO B 217 11.55 21.08 29.97
CA PRO B 217 12.92 21.51 29.68
C PRO B 217 12.95 22.31 28.39
N ARG B 218 11.98 22.03 27.51
CA ARG B 218 11.87 22.66 26.21
C ARG B 218 13.11 22.46 25.35
N GLY B 219 13.51 21.20 25.20
CA GLY B 219 14.58 20.82 24.29
C GLY B 219 14.01 20.03 23.12
N ARG B 220 14.87 19.57 22.22
CA ARG B 220 14.41 18.86 21.02
C ARG B 220 14.10 17.38 21.26
N PHE B 221 14.67 16.80 22.31
CA PHE B 221 14.40 15.40 22.64
C PHE B 221 14.10 15.19 24.13
N ASP B 222 13.05 15.84 24.65
CA ASP B 222 12.70 15.68 26.05
C ASP B 222 11.76 14.49 26.23
N VAL B 223 12.14 13.52 27.06
CA VAL B 223 11.28 12.36 27.32
C VAL B 223 10.05 12.83 28.08
N LEU B 224 8.86 12.52 27.58
CA LEU B 224 7.60 12.95 28.21
C LEU B 224 7.35 12.21 29.53
N PRO B 225 6.68 12.88 30.49
CA PRO B 225 6.32 12.19 31.75
C PRO B 225 5.16 11.25 31.44
N LEU B 226 4.93 10.26 32.29
CA LEU B 226 3.74 9.42 32.15
C LEU B 226 2.53 10.14 32.75
N LEU B 227 1.39 10.04 32.08
CA LEU B 227 0.13 10.59 32.58
C LEU B 227 -0.81 9.41 32.73
N LEU B 228 -1.07 9.02 33.97
CA LEU B 228 -1.66 7.73 34.26
C LEU B 228 -3.02 7.85 34.96
N GLN B 229 -4.00 7.14 34.42
CA GLN B 229 -5.36 7.17 34.94
C GLN B 229 -5.74 5.80 35.49
N ALA B 230 -5.98 5.72 36.81
CA ALA B 230 -6.45 4.47 37.41
C ALA B 230 -7.91 4.55 37.85
N ASN B 231 -8.68 3.51 37.57
CA ASN B 231 -10.05 3.43 38.08
C ASN B 231 -10.95 4.63 37.76
N GLY B 232 -10.72 5.24 36.59
CA GLY B 232 -11.54 6.37 36.18
C GLY B 232 -11.26 7.71 36.86
N ASN B 233 -10.29 7.73 37.76
CA ASN B 233 -9.88 8.99 38.41
C ASN B 233 -9.10 9.89 37.46
N ASP B 234 -8.99 11.17 37.82
CA ASP B 234 -8.19 12.11 37.04
C ASP B 234 -6.76 11.56 36.93
N PRO B 235 -6.08 11.77 35.79
CA PRO B 235 -4.75 11.18 35.64
C PRO B 235 -3.67 11.92 36.42
N GLU B 236 -2.59 11.21 36.72
CA GLU B 236 -1.48 11.79 37.49
C GLU B 236 -0.15 11.69 36.74
N LEU B 237 0.70 12.69 36.95
CA LEU B 237 2.00 12.76 36.26
C LEU B 237 3.10 12.05 37.04
N PHE B 238 3.87 11.24 36.31
CA PHE B 238 5.08 10.64 36.86
C PHE B 238 6.20 10.73 35.83
N GLN B 239 7.42 10.89 36.33
CA GLN B 239 8.59 10.88 35.47
C GLN B 239 9.29 9.52 35.54
N ILE B 240 9.47 8.89 34.39
CA ILE B 240 10.19 7.62 34.29
C ILE B 240 11.62 7.89 34.70
N PRO B 241 12.19 7.02 35.57
CA PRO B 241 13.59 7.24 35.94
C PRO B 241 14.47 7.27 34.71
N PRO B 242 15.28 8.34 34.56
CA PRO B 242 16.12 8.54 33.37
C PRO B 242 17.02 7.33 33.14
N GLU B 243 17.48 6.69 34.22
CA GLU B 243 18.34 5.52 34.10
C GLU B 243 17.65 4.32 33.44
N LEU B 244 16.32 4.36 33.34
CA LEU B 244 15.56 3.30 32.69
C LEU B 244 15.31 3.60 31.22
N VAL B 245 15.61 4.82 30.79
CA VAL B 245 15.34 5.21 29.40
C VAL B 245 16.58 5.05 28.53
N LEU B 246 16.62 3.98 27.74
CA LEU B 246 17.80 3.71 26.92
C LEU B 246 17.65 4.52 25.66
N GLU B 247 18.69 5.27 25.31
CA GLU B 247 18.68 6.08 24.09
C GLU B 247 19.93 5.82 23.28
N VAL B 248 19.84 6.05 21.97
CA VAL B 248 20.94 5.78 21.06
C VAL B 248 21.27 7.04 20.27
N PRO B 249 22.49 7.59 20.45
CA PRO B 249 22.86 8.75 19.62
C PRO B 249 23.05 8.31 18.19
N ILE B 250 22.51 9.05 17.23
CA ILE B 250 22.58 8.59 15.85
C ILE B 250 23.82 9.12 15.13
N ARG B 251 24.63 8.20 14.61
CA ARG B 251 25.78 8.55 13.76
C ARG B 251 25.78 7.71 12.48
N HIS B 252 26.61 8.12 11.51
CA HIS B 252 26.72 7.43 10.22
C HIS B 252 28.10 6.78 10.09
N PRO B 253 28.17 5.58 9.52
CA PRO B 253 29.44 4.84 9.46
C PRO B 253 30.51 5.48 8.57
N LYS B 254 30.11 6.26 7.58
CA LYS B 254 31.07 6.88 6.67
C LYS B 254 31.07 8.39 6.80
N PHE B 255 29.93 8.95 7.18
CA PHE B 255 29.76 10.40 7.25
C PHE B 255 29.91 10.88 8.69
N ASP B 256 30.98 11.63 8.96
CA ASP B 256 31.31 12.04 10.32
C ASP B 256 30.53 13.28 10.78
N TRP B 257 29.96 14.01 9.84
CA TRP B 257 29.16 15.18 10.18
C TRP B 257 27.76 14.80 10.65
N PHE B 258 27.37 13.55 10.44
CA PHE B 258 26.01 13.12 10.76
C PHE B 258 25.71 13.23 12.25
N LYS B 259 26.72 12.96 13.08
CA LYS B 259 26.55 13.01 14.53
C LYS B 259 26.20 14.43 14.99
N ASP B 260 26.69 15.41 14.23
CA ASP B 260 26.52 16.81 14.60
C ASP B 260 25.14 17.35 14.26
N LEU B 261 24.34 16.54 13.56
CA LEU B 261 22.91 16.82 13.40
C LEU B 261 22.22 16.80 14.76
N GLY B 262 22.86 16.16 15.74
CA GLY B 262 22.35 16.13 17.10
C GLY B 262 21.23 15.14 17.32
N LEU B 263 21.11 14.16 16.43
CA LEU B 263 20.01 13.21 16.51
C LEU B 263 20.25 12.08 17.52
N LYS B 264 19.16 11.63 18.12
CA LYS B 264 19.15 10.40 18.90
C LYS B 264 17.74 9.84 18.86
N TRP B 265 17.55 8.64 19.39
CA TRP B 265 16.20 8.11 19.56
C TRP B 265 16.21 7.16 20.73
N TYR B 266 15.03 6.81 21.24
CA TYR B 266 14.93 5.85 22.32
C TYR B 266 14.93 4.42 21.75
N GLY B 267 15.38 3.47 22.55
CA GLY B 267 15.47 2.09 22.10
C GLY B 267 14.17 1.31 22.10
N LEU B 268 13.25 1.69 22.99
CA LEU B 268 12.08 0.84 23.25
C LEU B 268 10.77 1.40 22.73
N PRO B 269 10.23 0.79 21.66
CA PRO B 269 8.92 1.24 21.18
C PRO B 269 7.85 0.54 22.01
N ALA B 270 7.10 1.32 22.77
CA ALA B 270 6.16 0.75 23.74
C ALA B 270 4.82 1.44 23.59
N VAL B 271 3.95 0.88 22.75
CA VAL B 271 2.67 1.52 22.44
C VAL B 271 1.69 1.34 23.60
N SER B 272 1.03 2.42 24.00
CA SER B 272 0.32 2.40 25.27
C SER B 272 -1.11 2.92 25.18
N ASN B 273 -1.59 3.20 23.97
CA ASN B 273 -2.94 3.75 23.82
C ASN B 273 -3.94 2.80 23.14
N MET B 274 -3.57 1.54 22.96
CA MET B 274 -4.50 0.60 22.33
C MET B 274 -5.37 -0.11 23.33
N LEU B 275 -6.45 -0.70 22.84
CA LEU B 275 -7.34 -1.48 23.70
C LEU B 275 -7.21 -2.95 23.32
N LEU B 276 -7.11 -3.80 24.33
CA LEU B 276 -6.97 -5.25 24.13
C LEU B 276 -8.31 -5.93 24.41
N GLU B 277 -8.88 -6.58 23.40
CA GLU B 277 -10.12 -7.34 23.61
C GLU B 277 -9.89 -8.85 23.67
N ILE B 278 -10.29 -9.46 24.78
CA ILE B 278 -10.21 -10.91 24.93
C ILE B 278 -11.53 -11.46 25.47
N GLY B 279 -12.21 -12.27 24.66
CA GLY B 279 -13.45 -12.89 25.10
C GLY B 279 -14.53 -11.91 25.51
N GLY B 280 -14.56 -10.76 24.85
CA GLY B 280 -15.56 -9.75 25.14
C GLY B 280 -15.14 -8.80 26.26
N LEU B 281 -14.04 -9.12 26.93
CA LEU B 281 -13.52 -8.22 27.96
C LEU B 281 -12.63 -7.15 27.33
N GLU B 282 -12.68 -5.93 27.87
CA GLU B 282 -11.93 -4.81 27.31
C GLU B 282 -10.88 -4.29 28.27
N PHE B 283 -9.61 -4.46 27.87
CA PHE B 283 -8.47 -3.95 28.64
C PHE B 283 -7.97 -2.64 28.01
N SER B 284 -8.45 -1.53 28.56
CA SER B 284 -8.24 -0.18 28.03
C SER B 284 -6.82 0.34 28.31
N ALA B 285 -6.13 -0.33 29.23
CA ALA B 285 -4.73 -0.02 29.48
C ALA B 285 -3.93 -1.31 29.40
N CYS B 286 -3.14 -1.43 28.34
CA CYS B 286 -2.38 -2.64 28.08
C CYS B 286 -1.09 -2.33 27.33
N PRO B 287 -0.22 -1.49 27.92
CA PRO B 287 0.99 -1.13 27.17
C PRO B 287 1.83 -2.34 26.73
N PHE B 288 2.27 -2.35 25.48
CA PHE B 288 3.10 -3.44 25.00
C PHE B 288 4.33 -2.91 24.23
N SER B 289 5.36 -3.74 24.08
CA SER B 289 6.60 -3.30 23.46
C SER B 289 7.29 -4.45 22.77
N GLY B 290 7.95 -4.17 21.65
CA GLY B 290 8.80 -5.16 21.01
C GLY B 290 10.16 -4.51 20.79
N TRP B 291 10.55 -4.41 19.52
CA TRP B 291 11.74 -3.62 19.16
C TRP B 291 11.48 -2.93 17.83
N TYR B 292 12.36 -2.02 17.44
CA TYR B 292 12.09 -1.20 16.27
C TYR B 292 12.45 -1.91 14.98
N MET B 293 11.68 -1.65 13.92
CA MET B 293 12.19 -1.83 12.56
C MET B 293 12.75 -0.47 12.17
N GLY B 294 13.93 -0.47 11.57
CA GLY B 294 14.68 0.75 11.35
C GLY B 294 13.93 1.89 10.68
N THR B 295 13.09 1.55 9.71
CA THR B 295 12.36 2.58 8.97
C THR B 295 11.35 3.36 9.81
N GLU B 296 10.87 2.79 10.91
CA GLU B 296 9.96 3.56 11.75
C GLU B 296 10.64 4.84 12.21
N ILE B 297 11.90 4.73 12.61
CA ILE B 297 12.67 5.88 13.02
C ILE B 297 13.20 6.65 11.79
N GLY B 298 13.95 5.96 10.93
CA GLY B 298 14.69 6.62 9.87
C GLY B 298 13.83 7.20 8.75
N VAL B 299 12.69 6.57 8.50
CA VAL B 299 11.79 7.05 7.45
C VAL B 299 10.66 7.91 8.02
N ARG B 300 9.88 7.34 8.90
CA ARG B 300 8.72 8.03 9.46
C ARG B 300 9.06 9.11 10.50
N ASP B 301 9.67 8.70 11.62
CA ASP B 301 9.98 9.65 12.70
C ASP B 301 10.88 10.81 12.26
N TYR B 302 11.90 10.50 11.46
CA TYR B 302 12.85 11.53 11.03
C TYR B 302 12.46 12.29 9.76
N CYS B 303 11.78 11.62 8.84
CA CYS B 303 11.64 12.17 7.48
C CYS B 303 10.21 12.52 7.04
N ASP B 304 9.21 12.12 7.80
CA ASP B 304 7.86 12.64 7.55
C ASP B 304 7.95 14.17 7.62
N ASN B 305 7.27 14.85 6.70
CA ASN B 305 7.22 16.31 6.75
C ASN B 305 6.59 16.82 8.05
N SER B 306 5.65 16.05 8.60
CA SER B 306 4.95 16.44 9.83
CA SER B 306 4.95 16.45 9.82
C SER B 306 5.65 15.97 11.11
N ARG B 307 6.85 15.43 10.98
CA ARG B 307 7.62 14.97 12.16
C ARG B 307 8.91 15.78 12.27
N TYR B 308 10.06 15.13 12.51
CA TYR B 308 11.30 15.90 12.63
C TYR B 308 11.77 16.51 11.30
N ASN B 309 11.40 15.87 10.20
CA ASN B 309 11.56 16.50 8.89
C ASN B 309 13.02 16.92 8.60
N ILE B 310 13.94 15.96 8.63
CA ILE B 310 15.37 16.29 8.49
C ILE B 310 15.96 16.13 7.08
N LEU B 311 15.13 15.72 6.11
CA LEU B 311 15.62 15.44 4.76
C LEU B 311 16.49 16.54 4.14
N GLU B 312 16.04 17.78 4.25
CA GLU B 312 16.74 18.90 3.62
C GLU B 312 18.13 19.09 4.20
N GLU B 313 18.17 19.14 5.52
CA GLU B 313 19.42 19.38 6.24
C GLU B 313 20.44 18.30 5.90
N VAL B 314 20.00 17.04 5.92
CA VAL B 314 20.86 15.93 5.55
C VAL B 314 21.34 16.07 4.11
N ALA B 315 20.39 16.34 3.22
CA ALA B 315 20.70 16.53 1.80
C ALA B 315 21.72 17.63 1.53
N LYS B 316 21.68 18.71 2.32
CA LYS B 316 22.61 19.81 2.13
C LYS B 316 24.01 19.35 2.51
N LYS B 317 24.10 18.65 3.64
CA LYS B 317 25.37 18.17 4.17
C LYS B 317 26.03 17.13 3.26
N MET B 318 25.22 16.43 2.47
CA MET B 318 25.76 15.49 1.47
C MET B 318 26.09 16.21 0.18
N ASP B 319 25.70 17.49 0.12
CA ASP B 319 25.84 18.29 -1.09
C ASP B 319 25.24 17.59 -2.31
N LEU B 320 23.96 17.27 -2.23
CA LEU B 320 23.23 16.70 -3.35
C LEU B 320 22.66 17.84 -4.18
N ASP B 321 22.35 17.58 -5.45
CA ASP B 321 21.68 18.57 -6.28
C ASP B 321 20.23 18.67 -5.82
N MET B 322 19.89 19.78 -5.17
CA MET B 322 18.55 19.93 -4.59
C MET B 322 17.66 20.86 -5.40
N ARG B 323 18.13 21.23 -6.58
CA ARG B 323 17.37 22.14 -7.44
C ARG B 323 16.19 21.48 -8.16
N LYS B 324 16.32 20.20 -8.48
CA LYS B 324 15.23 19.45 -9.11
C LYS B 324 15.02 18.09 -8.45
N THR B 325 13.76 17.75 -8.20
CA THR B 325 13.40 16.47 -7.57
C THR B 325 13.90 15.25 -8.35
N SER B 326 14.07 15.40 -9.66
CA SER B 326 14.47 14.27 -10.50
C SER B 326 15.92 13.82 -10.29
N SER B 327 16.67 14.57 -9.47
CA SER B 327 18.00 14.13 -9.05
C SER B 327 17.87 13.07 -7.96
N LEU B 328 16.65 12.93 -7.45
CA LEU B 328 16.33 12.00 -6.36
C LEU B 328 17.12 12.25 -5.08
N TRP B 329 17.43 13.51 -4.83
CA TRP B 329 18.14 13.89 -3.61
C TRP B 329 17.45 13.41 -2.33
N LYS B 330 16.11 13.50 -2.28
CA LYS B 330 15.39 13.04 -1.09
C LYS B 330 15.55 11.54 -0.87
N ASP B 331 15.42 10.78 -1.95
CA ASP B 331 15.63 9.34 -1.90
C ASP B 331 17.06 9.01 -1.47
N GLN B 332 18.03 9.75 -1.99
CA GLN B 332 19.42 9.53 -1.60
C GLN B 332 19.66 9.80 -0.11
N ALA B 333 19.18 10.92 0.38
CA ALA B 333 19.34 11.23 1.81
C ALA B 333 18.59 10.24 2.68
N LEU B 334 17.43 9.79 2.20
CA LEU B 334 16.60 8.88 2.98
C LEU B 334 17.37 7.60 3.28
N VAL B 335 18.07 7.06 2.28
CA VAL B 335 18.82 5.83 2.47
C VAL B 335 19.96 6.03 3.48
N GLU B 336 20.73 7.11 3.31
CA GLU B 336 21.83 7.40 4.24
C GLU B 336 21.39 7.54 5.70
N ILE B 337 20.24 8.17 5.92
CA ILE B 337 19.67 8.32 7.26
C ILE B 337 19.28 6.97 7.83
N ASN B 338 18.71 6.13 6.99
CA ASN B 338 18.28 4.82 7.46
C ASN B 338 19.45 3.88 7.73
N ILE B 339 20.53 4.07 6.98
CA ILE B 339 21.78 3.38 7.24
C ILE B 339 22.30 3.82 8.61
N ALA B 340 22.25 5.11 8.88
CA ALA B 340 22.75 5.65 10.15
C ALA B 340 22.00 5.08 11.35
N VAL B 341 20.67 4.97 11.25
CA VAL B 341 19.86 4.44 12.35
C VAL B 341 20.23 2.99 12.67
N LEU B 342 20.35 2.19 11.62
CA LEU B 342 20.68 0.78 11.77
C LEU B 342 22.10 0.64 12.34
N TYR B 343 23.03 1.41 11.78
CA TYR B 343 24.42 1.41 12.25
C TYR B 343 24.52 1.78 13.73
N SER B 344 23.78 2.80 14.13
CA SER B 344 23.90 3.31 15.49
C SER B 344 23.37 2.30 16.50
N PHE B 345 22.20 1.72 16.21
CA PHE B 345 21.61 0.74 17.13
C PHE B 345 22.50 -0.50 17.27
N GLN B 346 22.92 -1.07 16.15
CA GLN B 346 23.83 -2.22 16.14
C GLN B 346 25.12 -1.93 16.90
N SER B 347 25.71 -0.78 16.64
CA SER B 347 26.93 -0.36 17.32
C SER B 347 26.75 -0.31 18.83
N ASP B 348 25.58 0.17 19.27
CA ASP B 348 25.31 0.25 20.71
C ASP B 348 24.70 -1.04 21.27
N LYS B 349 24.61 -2.06 20.42
CA LYS B 349 24.04 -3.34 20.80
C LYS B 349 22.61 -3.22 21.33
N VAL B 350 21.79 -2.44 20.63
CA VAL B 350 20.38 -2.31 20.93
C VAL B 350 19.59 -2.98 19.81
N THR B 351 18.66 -3.84 20.19
CA THR B 351 17.94 -4.65 19.21
C THR B 351 17.22 -3.79 18.19
N ILE B 352 17.43 -4.12 16.92
CA ILE B 352 16.72 -3.44 15.83
C ILE B 352 16.74 -4.41 14.66
N VAL B 353 15.76 -4.29 13.75
CA VAL B 353 15.73 -5.14 12.57
C VAL B 353 15.55 -4.24 11.34
N ASP B 354 16.27 -4.55 10.28
CA ASP B 354 16.12 -3.77 9.05
C ASP B 354 14.87 -4.25 8.30
N HIS B 355 14.43 -3.46 7.32
CA HIS B 355 13.17 -3.79 6.64
C HIS B 355 13.29 -4.99 5.69
N HIS B 356 14.50 -5.29 5.24
CA HIS B 356 14.69 -6.51 4.45
C HIS B 356 14.52 -7.78 5.29
N SER B 357 15.23 -7.85 6.42
CA SER B 357 15.13 -9.01 7.31
CA SER B 357 15.14 -8.99 7.31
C SER B 357 13.70 -9.21 7.80
N ALA B 358 13.07 -8.12 8.24
CA ALA B 358 11.74 -8.18 8.83
C ALA B 358 10.67 -8.64 7.87
N THR B 359 10.74 -8.16 6.62
CA THR B 359 9.76 -8.56 5.63
C THR B 359 9.99 -10.00 5.17
N GLU B 360 11.26 -10.38 5.05
CA GLU B 360 11.61 -11.77 4.72
C GLU B 360 11.10 -12.71 5.79
N SER B 361 11.30 -12.34 7.05
CA SER B 361 10.79 -13.15 8.14
C SER B 361 9.27 -13.20 8.12
N PHE B 362 8.63 -12.08 7.84
CA PHE B 362 7.17 -12.09 7.79
C PHE B 362 6.59 -13.04 6.73
N ILE B 363 7.21 -13.06 5.55
CA ILE B 363 6.76 -13.98 4.51
C ILE B 363 6.80 -15.43 5.02
N LYS B 364 7.90 -15.81 5.65
CA LYS B 364 8.02 -17.16 6.20
C LYS B 364 6.96 -17.40 7.28
N HIS B 365 6.78 -16.42 8.16
CA HIS B 365 5.73 -16.50 9.16
C HIS B 365 4.38 -16.72 8.50
N MET B 366 4.08 -15.89 7.49
CA MET B 366 2.78 -15.95 6.85
C MET B 366 2.55 -17.32 6.21
N GLU B 367 3.57 -17.84 5.53
CA GLU B 367 3.46 -19.16 4.92
C GLU B 367 3.27 -20.25 5.99
N ASN B 368 3.93 -20.10 7.13
CA ASN B 368 3.80 -21.07 8.19
C ASN B 368 2.38 -21.05 8.74
N GLU B 369 1.83 -19.84 8.84
CA GLU B 369 0.47 -19.63 9.35
C GLU B 369 -0.59 -20.19 8.42
N TYR B 370 -0.40 -20.02 7.11
CA TYR B 370 -1.32 -20.62 6.16
C TYR B 370 -1.38 -22.13 6.33
N ARG B 371 -0.22 -22.76 6.46
CA ARG B 371 -0.15 -24.23 6.57
C ARG B 371 -0.74 -24.73 7.88
N CYS B 372 -0.34 -24.12 8.98
CA CYS B 372 -0.69 -24.60 10.33
CA CYS B 372 -0.71 -24.65 10.28
C CYS B 372 -2.00 -24.04 10.87
N ARG B 373 -2.37 -22.84 10.41
CA ARG B 373 -3.55 -22.16 10.93
C ARG B 373 -4.65 -21.93 9.88
N GLY B 374 -4.29 -22.01 8.60
CA GLY B 374 -5.29 -21.87 7.55
C GLY B 374 -5.41 -20.44 7.07
N GLY B 375 -4.51 -19.59 7.54
CA GLY B 375 -4.50 -18.20 7.12
C GLY B 375 -3.63 -17.30 7.98
N CYS B 376 -3.47 -16.07 7.53
CA CYS B 376 -2.76 -15.05 8.27
C CYS B 376 -3.28 -13.71 7.77
N PRO B 377 -4.20 -13.11 8.53
CA PRO B 377 -4.72 -11.82 8.07
C PRO B 377 -3.61 -10.77 8.03
N ALA B 378 -3.54 -10.03 6.92
CA ALA B 378 -2.48 -9.04 6.75
C ALA B 378 -2.95 -7.80 5.97
N ASP B 379 -2.53 -6.63 6.45
CA ASP B 379 -2.88 -5.35 5.84
C ASP B 379 -1.68 -4.89 4.98
N TRP B 380 -1.77 -5.12 3.66
CA TRP B 380 -0.65 -4.81 2.77
C TRP B 380 -0.22 -3.36 2.92
N VAL B 381 -1.19 -2.47 3.05
CA VAL B 381 -0.94 -1.03 3.14
C VAL B 381 0.03 -0.70 4.27
N TRP B 382 -0.07 -1.45 5.38
CA TRP B 382 0.80 -1.22 6.53
C TRP B 382 2.04 -2.11 6.57
N ILE B 383 1.91 -3.31 6.02
CA ILE B 383 2.99 -4.30 6.04
C ILE B 383 4.17 -3.85 5.15
N VAL B 384 3.86 -3.31 3.97
CA VAL B 384 4.93 -2.85 3.10
C VAL B 384 5.66 -1.66 3.72
N PRO B 385 7.00 -1.75 3.83
CA PRO B 385 7.78 -0.67 4.44
C PRO B 385 7.69 0.65 3.68
N PRO B 386 7.91 1.79 4.37
CA PRO B 386 7.69 3.10 3.75
C PRO B 386 8.83 3.58 2.85
N MET B 387 9.86 2.76 2.66
CA MET B 387 10.86 3.01 1.63
C MET B 387 11.15 1.69 0.92
N SER B 388 11.66 1.77 -0.31
CA SER B 388 12.11 0.59 -1.05
C SER B 388 11.07 -0.53 -1.11
N GLY B 389 9.79 -0.17 -1.16
CA GLY B 389 8.71 -1.15 -1.13
C GLY B 389 8.88 -2.40 -1.97
N SER B 390 9.07 -2.24 -3.26
CA SER B 390 9.04 -3.40 -4.15
C SER B 390 10.33 -4.24 -4.15
N ILE B 391 11.38 -3.78 -3.47
CA ILE B 391 12.54 -4.66 -3.33
C ILE B 391 12.49 -5.47 -2.04
N THR B 392 11.34 -5.42 -1.36
CA THR B 392 11.05 -6.34 -0.24
C THR B 392 10.03 -7.36 -0.73
N PRO B 393 10.06 -8.58 -0.17
CA PRO B 393 9.17 -9.61 -0.72
C PRO B 393 7.69 -9.38 -0.40
N VAL B 394 7.36 -8.59 0.62
CA VAL B 394 5.94 -8.37 0.91
C VAL B 394 5.18 -7.59 -0.18
N PHE B 395 5.89 -6.73 -0.91
CA PHE B 395 5.25 -5.92 -1.97
C PHE B 395 4.53 -6.82 -2.98
N HIS B 396 5.17 -7.94 -3.32
CA HIS B 396 4.67 -8.82 -4.37
C HIS B 396 3.69 -9.88 -3.85
N GLN B 397 3.46 -9.86 -2.54
CA GLN B 397 2.60 -10.85 -1.91
C GLN B 397 1.16 -10.34 -1.79
N GLU B 398 0.22 -11.04 -2.40
CA GLU B 398 -1.19 -10.69 -2.19
C GLU B 398 -1.53 -11.07 -0.75
N MET B 399 -2.35 -10.26 -0.10
CA MET B 399 -2.72 -10.52 1.29
C MET B 399 -4.23 -10.39 1.44
N LEU B 400 -4.76 -11.03 2.47
CA LEU B 400 -6.17 -10.91 2.76
C LEU B 400 -6.30 -10.28 4.14
N ASN B 401 -7.03 -9.17 4.23
CA ASN B 401 -7.21 -8.50 5.51
C ASN B 401 -8.58 -8.79 6.09
N TYR B 402 -8.60 -9.26 7.33
CA TYR B 402 -9.84 -9.51 8.02
C TYR B 402 -9.57 -9.50 9.52
N ARG B 403 -10.64 -9.45 10.30
CA ARG B 403 -10.48 -9.22 11.74
C ARG B 403 -10.79 -10.46 12.56
N LEU B 404 -9.81 -10.89 13.36
CA LEU B 404 -10.03 -12.01 14.28
C LEU B 404 -9.94 -11.48 15.71
N THR B 405 -10.59 -12.18 16.63
CA THR B 405 -10.41 -11.91 18.06
C THR B 405 -9.70 -13.09 18.71
N PRO B 406 -8.92 -12.84 19.77
CA PRO B 406 -8.60 -11.57 20.46
C PRO B 406 -7.92 -10.54 19.57
N SER B 407 -8.10 -9.27 19.91
CA SER B 407 -7.55 -8.21 19.07
C SER B 407 -7.09 -6.97 19.83
N PHE B 408 -6.17 -6.24 19.20
CA PHE B 408 -5.84 -4.89 19.62
C PHE B 408 -6.64 -3.90 18.80
N GLU B 409 -7.31 -2.97 19.48
CA GLU B 409 -8.17 -2.00 18.81
C GLU B 409 -7.74 -0.57 19.13
N TYR B 410 -8.12 0.36 18.27
CA TYR B 410 -7.94 1.77 18.57
C TYR B 410 -9.01 2.21 19.54
N GLN B 411 -8.68 3.20 20.36
CA GLN B 411 -9.67 3.83 21.21
C GLN B 411 -9.48 5.33 21.15
N PRO B 412 -10.53 6.10 21.45
CA PRO B 412 -10.39 7.54 21.38
C PRO B 412 -9.39 8.02 22.43
N ASP B 413 -8.73 9.15 22.18
CA ASP B 413 -7.83 9.73 23.16
C ASP B 413 -8.62 10.12 24.42
N PRO B 414 -8.07 9.79 25.60
CA PRO B 414 -8.83 9.93 26.84
C PRO B 414 -9.19 11.38 27.20
N TRP B 415 -8.39 12.33 26.73
CA TRP B 415 -8.71 13.73 27.00
C TRP B 415 -9.99 14.17 26.30
N ASN B 416 -10.39 13.42 25.28
CA ASN B 416 -11.63 13.73 24.58
C ASN B 416 -12.88 13.14 25.24
N THR B 417 -12.68 12.17 26.14
CA THR B 417 -13.80 11.47 26.75
C THR B 417 -13.83 11.58 28.28
N HIS B 418 -12.67 11.80 28.88
CA HIS B 418 -12.56 11.83 30.34
C HIS B 418 -13.48 12.84 31.01
N VAL B 419 -14.18 12.36 32.03
CA VAL B 419 -15.02 13.21 32.85
C VAL B 419 -14.19 13.68 34.04
N TRP B 420 -13.82 14.96 34.04
CA TRP B 420 -12.92 15.49 35.07
C TRP B 420 -13.56 15.58 36.43
N LYS B 421 -12.85 15.08 37.43
CA LYS B 421 -13.30 15.12 38.82
C LYS B 421 -12.86 16.43 39.46
N GLY B 422 -11.67 16.90 39.09
CA GLY B 422 -11.17 18.19 39.56
C GLY B 422 -10.27 18.11 40.77
CHA HEM C . -1.53 2.61 -14.49
CHB HEM C . 1.26 6.53 -14.92
CHC HEM C . -1.08 7.75 -19.00
CHD HEM C . -4.41 4.31 -18.11
C1A HEM C . -0.48 3.48 -14.34
C2A HEM C . 0.71 3.27 -13.55
C3A HEM C . 1.48 4.34 -13.67
C4A HEM C . 0.81 5.29 -14.55
CMA HEM C . 2.86 4.56 -13.00
CAA HEM C . 1.04 1.99 -12.74
CBA HEM C . 1.50 1.04 -13.84
CGA HEM C . 2.19 -0.19 -13.29
O1A HEM C . 2.71 -0.11 -12.15
O2A HEM C . 2.20 -1.23 -14.02
C1B HEM C . 0.89 7.18 -16.08
C2B HEM C . 1.55 8.33 -16.63
C3B HEM C . 0.93 8.69 -17.75
C4B HEM C . -0.19 7.76 -17.94
CMB HEM C . 2.81 9.03 -16.04
CAB HEM C . 1.39 9.89 -18.62
CBB HEM C . 0.63 10.43 -19.57
C1C HEM C . -2.17 6.91 -19.13
C2C HEM C . -3.14 6.92 -20.20
C3C HEM C . -4.05 5.95 -19.96
C4C HEM C . -3.70 5.34 -18.69
CMC HEM C . -3.06 7.86 -21.44
CAC HEM C . -5.31 5.53 -20.76
CBC HEM C . -5.82 6.25 -21.77
C1D HEM C . -3.95 3.54 -17.06
C2D HEM C . -4.62 2.36 -16.55
C3D HEM C . -3.72 1.85 -15.44
C4D HEM C . -2.59 2.73 -15.38
CMD HEM C . -5.95 1.72 -17.00
CAD HEM C . -3.98 0.59 -14.58
CBD HEM C . -3.36 -0.51 -15.42
CGD HEM C . -3.49 -1.82 -14.73
O1D HEM C . -4.39 -1.95 -13.86
O2D HEM C . -2.69 -2.73 -15.06
NA HEM C . -0.39 4.72 -14.93
NB HEM C . -0.19 6.86 -16.89
NC HEM C . -2.54 5.92 -18.24
ND HEM C . -2.76 3.73 -16.34
FE HEM C . -1.71 5.51 -16.36
N1 H4B D . 1.52 -1.08 -7.88
C2 H4B D . 1.71 -0.80 -9.18
N2 H4B D . 1.70 0.49 -9.61
N3 H4B D . 1.92 -1.80 -10.07
C4 H4B D . 1.94 -3.09 -9.68
O4 H4B D . 2.13 -3.98 -10.55
C4A H4B D . 1.71 -3.40 -8.33
C8A H4B D . 1.51 -2.36 -7.44
N5 H4B D . 1.70 -4.67 -7.88
N8 H4B D . 1.30 -2.59 -6.11
C6 H4B D . 0.97 -4.93 -6.63
C7 H4B D . 1.39 -3.94 -5.56
C9 H4B D . 1.11 -6.35 -6.13
O9 H4B D . 2.48 -6.62 -5.82
C10 H4B D . 0.32 -6.59 -4.85
C11 H4B D . 0.39 -8.06 -4.46
O10 H4B D . -1.05 -6.19 -5.04
C10 9OS E . 1.48 2.03 -17.54
C11 9OS E . 1.10 -1.63 -16.76
N02 9OS E . 3.38 5.05 -17.80
C02 9OS E . 2.32 4.20 -17.86
N01 9OS E . 2.50 2.92 -17.51
C03 9OS E . 1.07 4.64 -18.32
C04 9OS E . 0.00 3.73 -18.37
C05 9OS E . 0.21 2.41 -17.96
C06 9OS E . -0.83 1.46 -17.99
C07 9OS E . -0.59 0.14 -17.59
C08 9OS E . 0.70 -0.24 -17.18
C09 9OS E . 1.71 0.71 -17.17
N12 9OS E . 0.07 -2.56 -16.24
C13 9OS E . 0.78 -3.85 -16.16
C14 9OS E . 0.09 -4.87 -15.26
C15 9OS E . 1.09 -5.52 -14.30
C23 9OS E . 0.95 -7.03 -14.24
C22 9OS E . 2.06 -7.82 -14.56
C24 9OS E . -0.23 -7.66 -13.86
O27 9OS E . -1.35 -6.94 -13.54
C28 9OS E . -2.64 -7.49 -13.77
C25 9OS E . -0.27 -9.05 -13.82
C26 9OS E . 0.86 -9.78 -14.15
N21 9OS E . 2.00 -9.16 -14.50
C ACT F . 2.67 13.38 -15.30
O ACT F . 3.76 13.48 -15.90
OXT ACT F . 2.44 14.00 -14.24
CH3 ACT F . 1.58 12.54 -15.91
ZN ZN G . -11.15 -3.56 0.70
CHA HEM H . 2.34 -2.49 14.04
CHB HEM H . 6.92 -4.16 13.95
CHC HEM H . 6.16 -6.37 18.20
CHD HEM H . 1.42 -5.36 17.90
C1A HEM H . 3.69 -2.65 13.74
C2A HEM H . 4.44 -1.85 12.79
C3A HEM H . 5.70 -2.29 12.78
C4A HEM H . 5.79 -3.40 13.70
CMA HEM H . 6.88 -1.75 11.93
CAA HEM H . 3.87 -0.67 11.99
CBA HEM H . 3.86 0.44 13.03
CGA HEM H . 3.64 1.78 12.40
O1A HEM H . 3.96 1.93 11.19
O2A HEM H . 3.14 2.68 13.13
C1B HEM H . 7.12 -4.89 15.09
C2B HEM H . 8.38 -5.49 15.50
C3B HEM H . 8.18 -6.13 16.65
C4B HEM H . 6.80 -5.94 17.05
CMB HEM H . 9.71 -5.45 14.72
CAB HEM H . 9.31 -6.90 17.40
CBB HEM H . 9.05 -7.81 18.32
C1C HEM H . 4.83 -6.22 18.50
C2C HEM H . 4.20 -6.64 19.75
C3C HEM H . 2.89 -6.36 19.68
C4C HEM H . 2.64 -5.77 18.37
CMC HEM H . 4.98 -7.27 20.93
CAC HEM H . 1.78 -6.63 20.71
CBC HEM H . 1.88 -7.55 21.69
C1D HEM H . 1.23 -4.50 16.85
C2D HEM H . -0.04 -3.91 16.52
C3D HEM H . 0.23 -3.03 15.32
C4D HEM H . 1.65 -3.15 15.05
CMD HEM H . -1.41 -4.13 17.22
CAD HEM H . -0.83 -2.15 14.60
CBD HEM H . -0.62 -0.76 15.18
CGD HEM H . -1.62 0.22 14.65
O1D HEM H . -2.64 -0.20 14.03
O2D HEM H . -1.38 1.43 14.85
NA HEM H . 4.55 -3.59 14.26
NB HEM H . 6.17 -5.19 16.06
NC HEM H . 3.84 -5.68 17.68
ND HEM H . 2.21 -4.05 15.96
FE HEM H . 4.13 -4.93 15.78
N1 H4B I . 1.87 1.89 7.11
C2 H4B I . 2.44 1.88 8.35
N2 H4B I . 3.21 0.83 8.72
N3 H4B I . 2.23 2.89 9.21
C4 H4B I . 1.47 3.96 8.88
O4 H4B I . 1.32 4.89 9.71
C4A H4B I . 0.87 3.98 7.63
C8A H4B I . 1.09 2.93 6.75
N5 H4B I . 0.09 5.03 7.27
N8 H4B I . 0.53 2.92 5.50
C6 H4B I . -0.88 4.78 6.21
C7 H4B I . -0.20 4.09 5.03
C9 H4B I . -1.60 6.06 5.79
O9 H4B I . -0.66 7.04 5.36
C10 H4B I . -2.58 5.79 4.64
C11 H4B I . -3.37 7.04 4.30
O10 H4B I . -3.47 4.71 4.99
C10 9OS J . 5.00 -0.27 16.63
C11 9OS J . 2.56 2.54 16.14
N02 9OS J . 8.25 -1.75 16.41
C02 9OS J . 6.93 -1.60 16.69
N01 9OS J . 6.32 -0.44 16.38
C03 9OS J . 6.20 -2.61 17.32
C04 9OS J . 4.83 -2.47 17.57
C05 9OS J . 4.23 -1.26 17.23
C06 9OS J . 2.88 -1.04 17.48
C07 9OS J . 2.29 0.19 17.11
C08 9OS J . 3.08 1.17 16.52
C09 9OS J . 4.43 0.96 16.29
N12 9OS J . 1.43 2.65 15.22
C13 9OS J . 1.22 4.10 15.27
C14 9OS J . 0.18 4.65 14.31
C15 9OS J . -0.18 6.01 14.90
C23 9OS J . -1.01 6.88 13.99
C22 9OS J . -0.44 8.01 13.44
C24 9OS J . -2.33 6.57 13.71
O27 9OS J . -2.92 5.45 14.25
C28 9OS J . -4.25 5.13 13.88
C25 9OS J . -3.05 7.42 12.88
C26 9OS J . -2.42 8.54 12.34
N21 9OS J . -1.14 8.81 12.63
C ACT K . 11.97 -9.36 13.60
O ACT K . 12.10 -10.09 12.59
OXT ACT K . 12.95 -8.97 14.28
CH3 ACT K . 10.60 -8.99 14.08
O1 MTL L . -1.41 7.54 18.36
C1 MTL L . -2.53 8.40 18.05
C2 MTL L . -2.68 9.53 19.07
O2 MTL L . -2.86 8.99 20.39
C3 MTL L . -1.47 10.48 19.07
O3 MTL L . -1.21 10.95 17.72
C4 MTL L . -1.74 11.65 20.03
O4 MTL L . -2.97 12.30 19.71
C5 MTL L . -0.60 12.68 20.04
O5 MTL L . 0.66 12.02 20.30
C6 MTL L . -0.85 13.77 21.09
O6 MTL L . 0.05 14.86 20.91
#